data_4GY5
#
_entry.id   4GY5
#
_cell.length_a   145.940
_cell.length_b   145.940
_cell.length_c   125.903
_cell.angle_alpha   90.00
_cell.angle_beta   90.00
_cell.angle_gamma   90.00
#
_symmetry.space_group_name_H-M   'P 42 21 2'
#
loop_
_entity.id
_entity.type
_entity.pdbx_description
1 polymer 'E3 ubiquitin-protein ligase UHRF1'
2 polymer 'Peptide from Histone H3.3'
3 non-polymer 'ZINC ION'
4 water water
#
loop_
_entity_poly.entity_id
_entity_poly.type
_entity_poly.pdbx_seq_one_letter_code
_entity_poly.pdbx_strand_id
1 'polypeptide(L)'
;GPLGSPEFLYKVNEYVDARDTNMGAWFEAQVVRVTRKAPSRDEPCSSTSRPALEEDVIYHVKYDDYPENGVVQMNSRDVR
ARARTIIKWQDLEVGQVVMLNYNPDNPKERGFWYDAEISRKRETRTARELYANVVLGDDSLNDCRIIFVDEVFKIERPGE
GSPMVDNPMRRKSGPSCKHCKDDVNRLCRVCACHLCGGRQDPDKQLMCDECDMAFHIYCLDPPLSSVPSEDEWYCPECRN
D
;
A,B,C,D
2 'polypeptide(L)' ARTKQTAR(M3L)STGGKAPR E,F
#
loop_
_chem_comp.id
_chem_comp.type
_chem_comp.name
_chem_comp.formula
ZN non-polymer 'ZINC ION' 'Zn 2'
#
# COMPACT_ATOMS: atom_id res chain seq x y z
N PHE A 8 13.80 33.62 5.23
CA PHE A 8 12.52 33.35 4.57
C PHE A 8 12.44 31.97 3.93
N LEU A 9 11.70 31.85 2.84
CA LEU A 9 11.41 30.54 2.26
C LEU A 9 12.63 29.80 1.70
N TYR A 10 12.87 29.98 0.40
CA TYR A 10 13.92 29.22 -0.27
C TYR A 10 15.29 29.89 -0.16
N LYS A 11 16.29 29.10 0.19
CA LYS A 11 17.65 29.59 0.39
C LYS A 11 18.48 29.42 -0.88
N VAL A 12 19.62 30.11 -0.92
CA VAL A 12 20.56 29.94 -2.01
C VAL A 12 21.20 28.56 -1.93
N ASN A 13 21.53 27.99 -3.09
CA ASN A 13 22.11 26.65 -3.18
C ASN A 13 21.08 25.53 -3.01
N GLU A 14 19.87 25.89 -2.58
CA GLU A 14 18.81 24.91 -2.40
C GLU A 14 18.30 24.40 -3.74
N TYR A 15 18.21 23.08 -3.88
CA TYR A 15 17.70 22.47 -5.10
C TYR A 15 16.18 22.55 -5.15
N VAL A 16 15.65 23.05 -6.26
CA VAL A 16 14.22 23.26 -6.39
C VAL A 16 13.71 22.89 -7.78
N ASP A 17 12.40 23.07 -7.98
CA ASP A 17 11.79 22.89 -9.29
C ASP A 17 11.25 24.22 -9.79
N ALA A 18 11.69 24.63 -10.98
CA ALA A 18 11.25 25.89 -11.57
C ALA A 18 10.25 25.65 -12.69
N ARG A 19 9.08 26.27 -12.58
CA ARG A 19 8.02 26.09 -13.58
C ARG A 19 8.11 27.11 -14.70
N ASP A 20 8.34 26.62 -15.91
CA ASP A 20 8.35 27.48 -17.09
C ASP A 20 6.94 27.95 -17.40
N THR A 21 6.66 29.22 -17.13
CA THR A 21 5.31 29.78 -17.29
C THR A 21 4.74 29.63 -18.70
N ASN A 22 5.59 29.29 -19.65
CA ASN A 22 5.16 29.14 -21.04
C ASN A 22 4.46 27.79 -21.27
N MET A 23 5.21 26.70 -21.08
CA MET A 23 4.68 25.36 -21.29
C MET A 23 4.08 24.77 -20.01
N GLY A 24 4.33 25.46 -18.89
CA GLY A 24 3.75 25.07 -17.62
C GLY A 24 4.42 23.88 -16.95
N ALA A 25 5.55 23.44 -17.51
CA ALA A 25 6.28 22.30 -16.98
C ALA A 25 7.24 22.72 -15.87
N TRP A 26 7.61 21.76 -15.03
CA TRP A 26 8.57 22.00 -13.95
C TRP A 26 9.93 21.41 -14.30
N PHE A 27 10.99 22.20 -14.11
CA PHE A 27 12.33 21.76 -14.43
C PHE A 27 13.25 21.76 -13.23
N GLU A 28 14.17 20.80 -13.19
CA GLU A 28 15.14 20.69 -12.10
C GLU A 28 16.12 21.85 -12.14
N ALA A 29 16.13 22.66 -11.09
CA ALA A 29 17.00 23.83 -11.03
C ALA A 29 17.59 24.02 -9.63
N GLN A 30 18.40 25.08 -9.49
CA GLN A 30 19.03 25.39 -8.21
C GLN A 30 19.08 26.90 -7.99
N VAL A 31 18.70 27.33 -6.80
CA VAL A 31 18.67 28.75 -6.47
C VAL A 31 20.09 29.34 -6.41
N VAL A 32 20.27 30.46 -7.11
CA VAL A 32 21.56 31.12 -7.16
C VAL A 32 21.56 32.42 -6.37
N ARG A 33 20.45 33.15 -6.42
CA ARG A 33 20.32 34.40 -5.69
C ARG A 33 18.85 34.73 -5.42
N VAL A 34 18.60 35.49 -4.36
CA VAL A 34 17.24 35.87 -3.99
C VAL A 34 17.13 37.37 -3.72
N THR A 35 16.35 38.05 -4.54
CA THR A 35 16.14 39.49 -4.39
C THR A 35 14.68 39.82 -4.12
N ARG A 36 14.41 41.07 -3.79
CA ARG A 36 13.05 41.52 -3.50
C ARG A 36 12.60 42.57 -4.52
N LYS A 37 11.29 42.65 -4.73
CA LYS A 37 10.74 43.64 -5.65
C LYS A 37 10.73 45.04 -5.03
N GLU A 55 5.77 37.15 0.91
CA GLU A 55 6.48 36.21 0.03
C GLU A 55 6.41 36.70 -1.42
N ASP A 56 6.74 37.97 -1.62
CA ASP A 56 6.71 38.58 -2.94
C ASP A 56 8.13 38.90 -3.39
N VAL A 57 8.92 37.86 -3.66
CA VAL A 57 10.32 38.04 -3.99
C VAL A 57 10.67 37.47 -5.36
N ILE A 58 11.91 37.67 -5.78
CA ILE A 58 12.41 37.15 -7.05
C ILE A 58 13.47 36.09 -6.82
N TYR A 59 13.33 34.95 -7.50
CA TYR A 59 14.30 33.86 -7.37
C TYR A 59 15.15 33.71 -8.63
N HIS A 60 16.45 33.91 -8.48
CA HIS A 60 17.39 33.73 -9.58
C HIS A 60 17.95 32.32 -9.55
N VAL A 61 17.49 31.49 -10.48
CA VAL A 61 17.87 30.08 -10.50
C VAL A 61 18.63 29.70 -11.76
N LYS A 62 19.44 28.65 -11.68
CA LYS A 62 20.10 28.09 -12.84
C LYS A 62 19.72 26.62 -12.99
N TYR A 63 19.48 26.21 -14.24
CA TYR A 63 19.04 24.84 -14.50
C TYR A 63 20.22 23.88 -14.55
N ASP A 64 20.07 22.75 -13.86
CA ASP A 64 21.13 21.75 -13.75
C ASP A 64 21.80 21.45 -15.09
N ASP A 65 21.01 20.99 -16.05
CA ASP A 65 21.56 20.60 -17.36
C ASP A 65 21.12 21.55 -18.48
N TYR A 66 20.91 22.81 -18.14
CA TYR A 66 20.63 23.84 -19.12
C TYR A 66 21.54 25.06 -18.93
N PRO A 67 22.85 24.85 -19.10
CA PRO A 67 23.84 25.93 -18.88
C PRO A 67 23.75 27.01 -19.95
N GLU A 68 23.23 26.66 -21.13
CA GLU A 68 23.13 27.61 -22.23
C GLU A 68 22.07 28.68 -21.95
N ASN A 69 21.32 28.49 -20.86
CA ASN A 69 20.27 29.43 -20.49
C ASN A 69 20.70 30.34 -19.34
N GLY A 70 21.80 29.98 -18.68
CA GLY A 70 22.33 30.78 -17.59
C GLY A 70 21.34 31.00 -16.48
N VAL A 71 21.54 32.08 -15.73
CA VAL A 71 20.65 32.41 -14.61
C VAL A 71 19.32 32.95 -15.11
N VAL A 72 18.23 32.49 -14.48
CA VAL A 72 16.89 32.90 -14.87
C VAL A 72 16.12 33.41 -13.65
N GLN A 73 15.36 34.49 -13.83
CA GLN A 73 14.55 35.04 -12.76
C GLN A 73 13.17 34.39 -12.73
N MET A 74 12.70 34.07 -11.53
CA MET A 74 11.43 33.38 -11.36
C MET A 74 10.60 34.03 -10.26
N ASN A 75 9.28 34.01 -10.44
CA ASN A 75 8.36 34.44 -9.39
C ASN A 75 8.27 33.35 -8.33
N SER A 76 8.10 33.75 -7.08
CA SER A 76 7.98 32.80 -5.98
C SER A 76 6.89 31.77 -6.27
N ARG A 77 5.94 32.15 -7.11
CA ARG A 77 4.83 31.28 -7.48
C ARG A 77 5.29 30.08 -8.30
N ASP A 78 6.29 30.29 -9.15
CA ASP A 78 6.75 29.25 -10.06
C ASP A 78 7.97 28.51 -9.51
N VAL A 79 8.13 28.52 -8.20
CA VAL A 79 9.25 27.83 -7.56
C VAL A 79 8.83 27.06 -6.32
N ARG A 80 9.15 25.77 -6.29
CA ARG A 80 8.85 24.93 -5.15
C ARG A 80 10.04 24.04 -4.81
N ALA A 81 10.02 23.43 -3.64
CA ALA A 81 11.09 22.52 -3.22
C ALA A 81 11.20 21.35 -4.18
N ARG A 82 12.43 20.93 -4.44
CA ARG A 82 12.72 19.82 -5.34
C ARG A 82 11.88 18.58 -4.99
N ALA A 83 11.26 17.97 -5.99
CA ALA A 83 10.51 16.75 -5.78
C ALA A 83 11.45 15.63 -5.36
N ARG A 84 10.96 14.72 -4.51
CA ARG A 84 11.81 13.67 -3.97
C ARG A 84 11.02 12.40 -3.66
N THR A 85 9.79 12.58 -3.19
CA THR A 85 8.96 11.44 -2.78
C THR A 85 8.09 10.93 -3.92
N ILE A 86 8.15 9.63 -4.16
CA ILE A 86 7.35 8.99 -5.19
C ILE A 86 6.13 8.29 -4.60
N ILE A 87 4.96 8.59 -5.15
CA ILE A 87 3.73 7.94 -4.72
C ILE A 87 3.45 6.72 -5.60
N LYS A 88 3.56 5.53 -5.02
CA LYS A 88 3.33 4.30 -5.76
C LYS A 88 1.86 4.09 -6.11
N TRP A 89 1.61 3.19 -7.05
CA TRP A 89 0.27 2.94 -7.56
C TRP A 89 -0.77 2.73 -6.45
N GLN A 90 -0.41 1.93 -5.45
CA GLN A 90 -1.35 1.59 -4.38
C GLN A 90 -1.85 2.81 -3.62
N ASP A 91 -1.00 3.82 -3.47
CA ASP A 91 -1.34 4.98 -2.67
C ASP A 91 -1.89 6.15 -3.50
N LEU A 92 -2.02 5.94 -4.81
CA LEU A 92 -2.58 6.97 -5.68
C LEU A 92 -4.11 6.97 -5.61
N GLU A 93 -4.66 8.04 -5.02
CA GLU A 93 -6.10 8.17 -4.92
C GLU A 93 -6.65 9.25 -5.85
N VAL A 94 -7.85 9.04 -6.37
CA VAL A 94 -8.47 9.99 -7.27
C VAL A 94 -8.75 11.32 -6.57
N GLY A 95 -8.48 12.42 -7.28
CA GLY A 95 -8.67 13.75 -6.74
C GLY A 95 -7.42 14.29 -6.09
N GLN A 96 -6.33 13.54 -6.23
CA GLN A 96 -5.05 13.91 -5.64
C GLN A 96 -4.13 14.57 -6.66
N VAL A 97 -3.84 15.84 -6.45
CA VAL A 97 -2.96 16.61 -7.33
C VAL A 97 -1.51 16.19 -7.13
N VAL A 98 -0.85 15.79 -8.22
CA VAL A 98 0.54 15.34 -8.14
C VAL A 98 1.36 15.90 -9.30
N MET A 99 2.61 15.46 -9.41
CA MET A 99 3.46 15.83 -10.53
C MET A 99 3.94 14.58 -11.26
N LEU A 100 3.51 14.44 -12.52
CA LEU A 100 3.86 13.27 -13.30
C LEU A 100 4.41 13.65 -14.68
N ASN A 101 4.83 12.64 -15.44
CA ASN A 101 5.41 12.86 -16.75
C ASN A 101 4.41 12.66 -17.87
N TYR A 102 4.30 13.64 -18.76
CA TYR A 102 3.37 13.57 -19.88
C TYR A 102 3.90 14.33 -21.11
N ASN A 103 3.56 13.82 -22.29
CA ASN A 103 4.01 14.44 -23.53
C ASN A 103 2.84 14.82 -24.43
N PRO A 104 2.29 16.02 -24.23
CA PRO A 104 1.12 16.53 -24.94
C PRO A 104 1.19 16.31 -26.45
N ASP A 105 2.37 16.47 -27.04
CA ASP A 105 2.55 16.29 -28.47
C ASP A 105 2.51 14.81 -28.85
N ASN A 106 3.34 14.01 -28.19
CA ASN A 106 3.32 12.56 -28.38
C ASN A 106 2.96 11.85 -27.08
N PRO A 107 1.66 11.79 -26.77
CA PRO A 107 1.14 11.22 -25.52
C PRO A 107 1.69 9.83 -25.22
N LYS A 108 1.88 9.02 -26.25
CA LYS A 108 2.38 7.65 -26.07
C LYS A 108 3.86 7.64 -25.65
N GLU A 109 4.50 8.80 -25.74
CA GLU A 109 5.92 8.92 -25.43
C GLU A 109 6.15 9.62 -24.09
N ARG A 110 7.39 9.59 -23.62
CA ARG A 110 7.78 10.32 -22.43
C ARG A 110 7.95 11.80 -22.77
N GLY A 111 7.48 12.66 -21.88
CA GLY A 111 7.57 14.09 -22.08
C GLY A 111 8.24 14.82 -20.93
N PHE A 112 7.54 15.81 -20.39
CA PHE A 112 8.07 16.60 -19.29
C PHE A 112 7.22 16.45 -18.04
N TRP A 113 7.50 17.24 -17.02
CA TRP A 113 6.83 17.11 -15.73
C TRP A 113 5.84 18.23 -15.47
N TYR A 114 4.56 17.87 -15.38
CA TYR A 114 3.50 18.83 -15.13
C TYR A 114 2.72 18.47 -13.86
N ASP A 115 1.92 19.42 -13.38
CA ASP A 115 1.00 19.15 -12.29
C ASP A 115 -0.29 18.58 -12.85
N ALA A 116 -0.88 17.62 -12.15
CA ALA A 116 -2.10 16.98 -12.62
C ALA A 116 -2.96 16.43 -11.49
N GLU A 117 -4.27 16.55 -11.64
CA GLU A 117 -5.20 15.98 -10.67
C GLU A 117 -5.74 14.65 -11.18
N ILE A 118 -5.31 13.57 -10.54
CA ILE A 118 -5.73 12.22 -10.95
C ILE A 118 -7.25 12.11 -11.02
N SER A 119 -7.76 11.85 -12.22
CA SER A 119 -9.20 11.81 -12.46
C SER A 119 -9.80 10.43 -12.17
N ARG A 120 -9.12 9.39 -12.65
CA ARG A 120 -9.57 8.02 -12.42
C ARG A 120 -8.49 7.00 -12.72
N LYS A 121 -8.55 5.86 -12.04
CA LYS A 121 -7.61 4.77 -12.26
C LYS A 121 -8.35 3.45 -12.45
N ARG A 122 -7.87 2.64 -13.37
CA ARG A 122 -8.55 1.40 -13.74
C ARG A 122 -7.55 0.26 -13.94
N GLU A 123 -7.54 -0.68 -13.00
CA GLU A 123 -6.62 -1.80 -13.05
C GLU A 123 -7.28 -3.08 -13.54
N THR A 124 -6.70 -3.69 -14.57
CA THR A 124 -7.18 -4.97 -15.08
C THR A 124 -6.09 -6.01 -14.91
N ARG A 125 -6.11 -7.04 -15.76
CA ARG A 125 -5.09 -8.07 -15.72
C ARG A 125 -3.89 -7.70 -16.58
N THR A 126 -4.11 -6.77 -17.51
CA THR A 126 -3.08 -6.41 -18.48
C THR A 126 -2.34 -5.11 -18.15
N ALA A 127 -2.98 -4.22 -17.40
CA ALA A 127 -2.35 -2.94 -17.08
C ALA A 127 -3.09 -2.13 -16.02
N ARG A 128 -2.32 -1.34 -15.27
CA ARG A 128 -2.88 -0.36 -14.35
C ARG A 128 -3.04 0.96 -15.10
N GLU A 129 -4.29 1.35 -15.34
CA GLU A 129 -4.56 2.53 -16.16
C GLU A 129 -4.75 3.78 -15.32
N LEU A 130 -3.83 4.73 -15.45
CA LEU A 130 -3.90 5.98 -14.71
C LEU A 130 -4.33 7.13 -15.61
N TYR A 131 -5.36 7.85 -15.20
CA TYR A 131 -5.86 8.99 -15.96
C TYR A 131 -5.91 10.23 -15.07
N ALA A 132 -5.44 11.35 -15.59
CA ALA A 132 -5.41 12.60 -14.82
C ALA A 132 -5.55 13.82 -15.72
N ASN A 133 -5.93 14.94 -15.13
CA ASN A 133 -6.05 16.20 -15.85
C ASN A 133 -4.76 17.01 -15.76
N VAL A 134 -3.95 16.93 -16.81
CA VAL A 134 -2.67 17.62 -16.85
C VAL A 134 -2.84 19.12 -16.99
N VAL A 135 -2.30 19.87 -16.04
CA VAL A 135 -2.35 21.33 -16.07
C VAL A 135 -1.16 21.89 -16.86
N LEU A 136 -1.45 22.74 -17.83
CA LEU A 136 -0.40 23.34 -18.65
C LEU A 136 -0.24 24.84 -18.37
N GLY A 137 0.67 25.48 -19.09
CA GLY A 137 0.93 26.89 -18.91
C GLY A 137 -0.02 27.79 -19.67
N ASP A 138 -1.32 27.49 -19.56
CA ASP A 138 -2.35 28.28 -20.23
C ASP A 138 -3.74 27.77 -19.87
N ASP A 139 -3.88 26.45 -19.79
CA ASP A 139 -5.14 25.81 -19.43
C ASP A 139 -4.95 24.31 -19.26
N SER A 140 -5.88 23.68 -18.53
CA SER A 140 -5.77 22.26 -18.22
C SER A 140 -5.92 21.36 -19.45
N LEU A 141 -5.77 20.07 -19.23
CA LEU A 141 -5.89 19.07 -20.29
C LEU A 141 -6.48 17.81 -19.67
N ASN A 142 -7.78 17.63 -19.86
CA ASN A 142 -8.55 16.66 -19.08
C ASN A 142 -8.56 15.23 -19.62
N ASP A 143 -8.29 14.28 -18.73
CA ASP A 143 -8.39 12.85 -19.02
C ASP A 143 -7.24 12.34 -19.88
N CYS A 144 -6.02 12.60 -19.43
CA CYS A 144 -4.83 12.11 -20.12
C CYS A 144 -4.41 10.74 -19.59
N ARG A 145 -4.10 9.83 -20.50
CA ARG A 145 -3.61 8.51 -20.13
C ARG A 145 -2.13 8.58 -19.75
N ILE A 146 -1.86 8.58 -18.45
CA ILE A 146 -0.49 8.67 -17.95
C ILE A 146 0.23 7.33 -18.15
N ILE A 147 1.32 7.37 -18.92
CA ILE A 147 2.08 6.16 -19.23
C ILE A 147 2.88 5.66 -18.04
N PHE A 148 3.62 6.57 -17.40
CA PHE A 148 4.51 6.20 -16.31
C PHE A 148 3.82 6.32 -14.95
N VAL A 149 3.22 5.23 -14.50
CA VAL A 149 2.47 5.22 -13.25
C VAL A 149 3.37 5.00 -12.04
N ASP A 150 4.59 4.54 -12.29
CA ASP A 150 5.54 4.27 -11.21
C ASP A 150 6.36 5.51 -10.87
N GLU A 151 6.28 6.53 -11.72
CA GLU A 151 7.06 7.75 -11.53
C GLU A 151 6.18 8.96 -11.23
N VAL A 152 5.34 8.83 -10.20
CA VAL A 152 4.48 9.92 -9.77
C VAL A 152 5.06 10.58 -8.53
N PHE A 153 5.19 11.91 -8.58
CA PHE A 153 5.83 12.64 -7.49
C PHE A 153 4.84 13.43 -6.63
N LYS A 154 5.06 13.38 -5.32
CA LYS A 154 4.29 14.18 -4.38
C LYS A 154 4.84 15.60 -4.34
N ILE A 155 3.97 16.58 -4.49
CA ILE A 155 4.39 17.98 -4.46
C ILE A 155 4.76 18.41 -3.05
N GLU A 156 6.02 18.84 -2.88
CA GLU A 156 6.48 19.35 -1.61
C GLU A 156 5.79 20.67 -1.29
N ARG A 157 4.98 20.67 -0.23
CA ARG A 157 4.24 21.86 0.15
C ARG A 157 5.08 22.77 1.03
N PRO A 158 5.09 24.08 0.72
CA PRO A 158 5.88 25.09 1.43
C PRO A 158 5.79 24.93 2.94
N GLY A 159 6.92 24.64 3.57
CA GLY A 159 6.97 24.42 5.00
C GLY A 159 7.20 22.97 5.36
N GLU A 160 6.26 22.12 4.96
CA GLU A 160 6.34 20.69 5.24
C GLU A 160 7.60 20.08 4.62
N GLY A 161 8.37 19.38 5.45
CA GLY A 161 9.57 18.71 4.97
C GLY A 161 10.81 19.57 5.03
N SER A 162 11.97 18.94 4.84
CA SER A 162 13.24 19.64 4.87
C SER A 162 13.61 20.19 3.49
N PRO A 163 14.45 21.24 3.47
CA PRO A 163 14.96 21.78 2.20
C PRO A 163 16.02 20.86 1.60
N MET A 164 15.99 20.70 0.28
CA MET A 164 16.97 19.88 -0.40
C MET A 164 18.27 20.65 -0.63
N VAL A 165 19.29 20.31 0.16
CA VAL A 165 20.57 21.01 0.09
C VAL A 165 21.65 20.17 -0.58
N ASP A 166 21.43 18.87 -0.66
CA ASP A 166 22.39 17.96 -1.27
C ASP A 166 21.96 17.55 -2.67
N ASN A 167 22.92 17.50 -3.59
CA ASN A 167 22.65 17.11 -4.97
C ASN A 167 21.89 15.80 -5.04
N PRO A 168 20.66 15.83 -5.57
CA PRO A 168 19.77 14.67 -5.63
C PRO A 168 19.87 13.91 -6.94
N MET A 169 19.08 12.85 -7.07
CA MET A 169 19.06 12.04 -8.29
C MET A 169 18.31 12.77 -9.39
N ARG A 170 18.48 12.32 -10.63
CA ARG A 170 17.89 12.98 -11.78
C ARG A 170 16.61 12.28 -12.27
N ARG A 171 15.58 13.07 -12.53
CA ARG A 171 14.37 12.55 -13.16
C ARG A 171 14.62 12.40 -14.65
N LYS A 172 14.05 11.36 -15.25
CA LYS A 172 14.17 11.15 -16.69
C LYS A 172 13.16 12.02 -17.43
N SER A 173 13.66 12.81 -18.38
CA SER A 173 12.83 13.75 -19.12
C SER A 173 13.13 13.67 -20.61
N GLY A 174 12.31 14.33 -21.42
CA GLY A 174 12.48 14.31 -22.86
C GLY A 174 12.22 12.95 -23.50
N PRO A 175 11.57 12.94 -24.67
CA PRO A 175 11.25 11.70 -25.39
C PRO A 175 12.49 10.82 -25.59
N SER A 176 12.31 9.50 -25.54
CA SER A 176 13.41 8.57 -25.70
C SER A 176 13.48 8.06 -27.13
N CYS A 177 14.65 7.53 -27.51
CA CYS A 177 14.82 6.97 -28.84
C CYS A 177 14.97 5.44 -28.76
N LYS A 178 14.29 4.76 -29.67
CA LYS A 178 14.29 3.29 -29.67
C LYS A 178 15.33 2.72 -30.62
N HIS A 179 16.40 3.48 -30.88
CA HIS A 179 17.45 3.03 -31.77
C HIS A 179 18.82 3.08 -31.12
N CYS A 180 18.94 3.81 -30.02
CA CYS A 180 20.18 3.86 -29.26
C CYS A 180 19.90 3.70 -27.77
N LYS A 181 18.63 3.72 -27.41
CA LYS A 181 18.21 3.56 -26.02
C LYS A 181 18.72 4.68 -25.12
N ASP A 182 18.84 5.87 -25.68
CA ASP A 182 19.29 7.05 -24.93
C ASP A 182 20.62 6.84 -24.21
N ASP A 183 21.40 5.87 -24.67
CA ASP A 183 22.71 5.61 -24.09
C ASP A 183 23.71 6.64 -24.63
N VAL A 184 24.18 7.51 -23.73
CA VAL A 184 25.06 8.63 -24.11
C VAL A 184 26.27 8.19 -24.92
N ASN A 185 26.84 7.04 -24.56
CA ASN A 185 28.08 6.58 -25.17
C ASN A 185 27.88 5.93 -26.54
N ARG A 186 26.62 5.76 -26.94
CA ARG A 186 26.31 5.14 -28.22
C ARG A 186 26.02 6.19 -29.29
N LEU A 187 26.61 6.00 -30.47
CA LEU A 187 26.40 6.92 -31.58
C LEU A 187 25.10 6.58 -32.32
N CYS A 188 24.24 7.58 -32.48
CA CYS A 188 22.97 7.37 -33.15
C CYS A 188 22.82 8.33 -34.34
N ARG A 189 21.88 8.03 -35.23
CA ARG A 189 21.63 8.86 -36.40
C ARG A 189 20.19 9.36 -36.41
N VAL A 190 19.39 8.89 -35.46
CA VAL A 190 18.01 9.30 -35.33
C VAL A 190 17.86 10.40 -34.27
N CYS A 191 18.51 10.20 -33.13
CA CYS A 191 18.46 11.16 -32.05
C CYS A 191 19.67 12.08 -32.09
N ALA A 192 20.71 11.66 -32.80
CA ALA A 192 21.93 12.44 -32.92
C ALA A 192 22.08 12.97 -34.35
N CYS A 193 23.32 13.13 -34.79
CA CYS A 193 23.59 13.64 -36.13
C CYS A 193 23.20 12.63 -37.21
N HIS A 194 22.36 13.06 -38.13
CA HIS A 194 21.87 12.20 -39.21
C HIS A 194 23.01 11.76 -40.12
N LEU A 195 24.15 12.44 -40.02
CA LEU A 195 25.30 12.17 -40.88
C LEU A 195 26.30 11.22 -40.23
N CYS A 196 27.09 11.73 -39.29
CA CYS A 196 28.13 10.94 -38.66
C CYS A 196 27.60 10.10 -37.49
N GLY A 197 26.81 10.72 -36.62
CA GLY A 197 26.25 10.04 -35.48
C GLY A 197 26.66 10.64 -34.14
N GLY A 198 27.53 11.65 -34.19
CA GLY A 198 27.98 12.30 -32.99
C GLY A 198 26.87 13.08 -32.29
N ARG A 199 27.19 13.54 -31.10
CA ARG A 199 26.26 14.19 -30.20
C ARG A 199 26.90 15.30 -29.40
N GLN A 200 28.02 15.80 -29.91
CA GLN A 200 28.74 16.90 -29.26
C GLN A 200 28.38 18.22 -29.92
N ASP A 201 28.92 19.31 -29.38
CA ASP A 201 28.65 20.64 -29.93
C ASP A 201 27.23 20.72 -30.48
N PRO A 202 26.23 20.58 -29.60
CA PRO A 202 24.81 20.49 -29.97
C PRO A 202 24.19 21.81 -30.41
N ASP A 203 24.76 22.92 -29.96
CA ASP A 203 24.28 24.24 -30.37
C ASP A 203 24.67 24.55 -31.81
N LYS A 204 25.44 23.64 -32.41
CA LYS A 204 25.81 23.75 -33.82
C LYS A 204 25.16 22.62 -34.60
N GLN A 205 24.24 21.91 -33.96
CA GLN A 205 23.59 20.76 -34.57
C GLN A 205 22.27 21.17 -35.24
N LEU A 206 22.38 21.71 -36.44
CA LEU A 206 21.23 22.16 -37.21
C LEU A 206 20.16 21.08 -37.29
N MET A 207 18.89 21.49 -37.17
CA MET A 207 17.78 20.56 -37.32
C MET A 207 16.87 21.01 -38.46
N CYS A 208 16.74 20.17 -39.47
CA CYS A 208 15.92 20.49 -40.63
C CYS A 208 14.46 20.70 -40.24
N ASP A 209 13.83 21.66 -40.89
CA ASP A 209 12.42 21.97 -40.62
C ASP A 209 11.51 21.12 -41.49
N GLU A 210 11.93 19.88 -41.77
CA GLU A 210 11.14 18.98 -42.59
C GLU A 210 11.06 17.57 -41.99
N CYS A 211 12.20 16.88 -41.93
CA CYS A 211 12.23 15.52 -41.41
C CYS A 211 12.73 15.47 -39.97
N ASP A 212 12.89 16.64 -39.37
CA ASP A 212 13.29 16.74 -37.96
C ASP A 212 14.61 16.02 -37.65
N MET A 213 15.40 15.77 -38.68
CA MET A 213 16.70 15.13 -38.48
C MET A 213 17.79 16.16 -38.21
N ALA A 214 18.80 15.78 -37.44
CA ALA A 214 19.87 16.69 -37.04
C ALA A 214 21.05 16.63 -38.00
N PHE A 215 21.59 17.80 -38.34
CA PHE A 215 22.74 17.91 -39.21
C PHE A 215 23.74 18.90 -38.63
N HIS A 216 24.94 18.43 -38.32
CA HIS A 216 25.99 19.30 -37.78
C HIS A 216 26.29 20.44 -38.75
N ILE A 217 26.72 21.57 -38.19
CA ILE A 217 27.06 22.75 -38.99
C ILE A 217 28.28 22.48 -39.85
N TYR A 218 29.08 21.49 -39.45
CA TYR A 218 30.35 21.22 -40.09
C TYR A 218 30.44 19.81 -40.67
N CYS A 219 29.34 19.32 -41.23
CA CYS A 219 29.29 17.94 -41.71
C CYS A 219 28.89 17.72 -43.17
N LEU A 220 28.12 18.64 -43.75
CA LEU A 220 27.62 18.43 -45.11
C LEU A 220 28.35 19.19 -46.22
N ASP A 221 29.24 18.47 -46.91
CA ASP A 221 29.93 18.93 -48.13
C ASP A 221 30.24 20.34 -48.70
N PRO A 222 29.48 21.37 -48.30
CA PRO A 222 29.91 22.75 -48.02
C PRO A 222 29.70 23.11 -46.56
N PRO A 223 30.71 22.85 -45.70
CA PRO A 223 30.53 23.06 -44.26
C PRO A 223 30.15 24.50 -43.95
N LEU A 224 28.96 24.69 -43.36
CA LEU A 224 28.52 26.02 -42.97
C LEU A 224 29.38 26.54 -41.82
N SER A 225 29.57 27.85 -41.78
CA SER A 225 30.45 28.46 -40.78
C SER A 225 29.67 29.08 -39.64
N SER A 226 28.36 29.26 -39.82
CA SER A 226 27.54 29.89 -38.80
C SER A 226 26.10 29.36 -38.80
N VAL A 227 25.26 29.98 -37.97
CA VAL A 227 23.86 29.58 -37.86
C VAL A 227 22.98 30.42 -38.79
N PRO A 228 22.27 29.75 -39.71
CA PRO A 228 21.36 30.43 -40.65
C PRO A 228 20.31 31.25 -39.92
N SER A 229 20.46 32.57 -39.94
CA SER A 229 19.51 33.46 -39.27
C SER A 229 18.11 33.29 -39.82
N GLU A 230 18.02 32.74 -41.03
CA GLU A 230 16.73 32.47 -41.67
C GLU A 230 15.91 31.54 -40.78
N ASP A 231 14.63 31.83 -40.63
CA ASP A 231 13.76 31.08 -39.73
C ASP A 231 13.80 29.56 -39.98
N GLU A 232 13.85 29.18 -41.26
CA GLU A 232 13.83 27.77 -41.62
C GLU A 232 15.11 27.31 -42.33
N TRP A 233 15.36 26.01 -42.28
CA TRP A 233 16.52 25.42 -42.95
C TRP A 233 16.19 23.99 -43.35
N TYR A 234 16.05 23.77 -44.65
CA TYR A 234 15.70 22.46 -45.17
C TYR A 234 16.94 21.72 -45.68
N CYS A 235 17.23 20.59 -45.05
CA CYS A 235 18.45 19.82 -45.33
C CYS A 235 18.55 19.38 -46.79
N PRO A 236 19.70 18.82 -47.19
CA PRO A 236 19.91 18.34 -48.56
C PRO A 236 18.85 17.34 -49.03
N GLU A 237 18.55 16.35 -48.20
CA GLU A 237 17.56 15.34 -48.55
C GLU A 237 16.23 15.99 -48.93
N CYS A 238 15.91 17.10 -48.29
CA CYS A 238 14.66 17.81 -48.53
C CYS A 238 14.90 19.12 -49.25
N ARG A 239 16.01 19.18 -49.98
CA ARG A 239 16.41 20.38 -50.71
C ARG A 239 16.85 21.50 -49.76
N LEU B 9 -1.23 -31.66 10.41
CA LEU B 9 -1.68 -30.32 10.06
C LEU B 9 -2.56 -29.68 11.14
N TYR B 10 -3.87 -29.85 11.01
CA TYR B 10 -4.82 -29.19 11.90
C TYR B 10 -5.08 -29.96 13.19
N LYS B 11 -5.02 -29.25 14.30
CA LYS B 11 -5.20 -29.86 15.62
C LYS B 11 -6.65 -29.74 16.09
N VAL B 12 -6.99 -30.52 17.11
CA VAL B 12 -8.31 -30.42 17.73
C VAL B 12 -8.42 -29.09 18.47
N ASN B 13 -9.62 -28.53 18.52
CA ASN B 13 -9.87 -27.25 19.16
C ASN B 13 -9.46 -26.05 18.31
N GLU B 14 -8.70 -26.32 17.24
CA GLU B 14 -8.25 -25.26 16.36
C GLU B 14 -9.41 -24.69 15.53
N TYR B 15 -9.53 -23.37 15.52
CA TYR B 15 -10.57 -22.70 14.76
C TYR B 15 -10.19 -22.65 13.27
N VAL B 16 -11.12 -23.10 12.42
CA VAL B 16 -10.85 -23.20 11.00
C VAL B 16 -12.05 -22.77 10.15
N ASP B 17 -11.88 -22.83 8.83
CA ASP B 17 -12.97 -22.59 7.91
C ASP B 17 -13.30 -23.86 7.14
N ALA B 18 -14.56 -24.29 7.21
CA ALA B 18 -15.00 -25.51 6.53
C ALA B 18 -15.80 -25.16 5.28
N ARG B 19 -15.37 -25.69 4.13
CA ARG B 19 -16.04 -25.41 2.87
C ARG B 19 -17.13 -26.43 2.56
N ASP B 20 -18.37 -25.95 2.48
CA ASP B 20 -19.49 -26.80 2.11
C ASP B 20 -19.41 -27.15 0.63
N THR B 21 -19.06 -28.39 0.33
CA THR B 21 -18.84 -28.82 -1.04
C THR B 21 -20.04 -28.62 -1.96
N ASN B 22 -21.20 -28.34 -1.38
CA ASN B 22 -22.41 -28.13 -2.17
C ASN B 22 -22.46 -26.73 -2.79
N MET B 23 -22.49 -25.72 -1.93
CA MET B 23 -22.56 -24.33 -2.38
C MET B 23 -21.17 -23.72 -2.55
N GLY B 24 -20.16 -24.43 -2.08
CA GLY B 24 -18.77 -24.00 -2.25
C GLY B 24 -18.33 -22.89 -1.33
N ALA B 25 -19.18 -22.54 -0.37
CA ALA B 25 -18.88 -21.46 0.57
C ALA B 25 -18.08 -21.97 1.77
N TRP B 26 -17.37 -21.06 2.43
CA TRP B 26 -16.60 -21.39 3.62
C TRP B 26 -17.30 -20.90 4.88
N PHE B 27 -17.41 -21.78 5.88
CA PHE B 27 -18.09 -21.44 7.12
C PHE B 27 -17.17 -21.53 8.33
N GLU B 28 -17.41 -20.66 9.29
CA GLU B 28 -16.63 -20.63 10.53
C GLU B 28 -16.92 -21.88 11.36
N ALA B 29 -15.90 -22.69 11.59
CA ALA B 29 -16.06 -23.93 12.35
C ALA B 29 -14.89 -24.19 13.28
N GLN B 30 -14.95 -25.29 14.01
CA GLN B 30 -13.89 -25.68 14.93
C GLN B 30 -13.68 -27.19 14.92
N VAL B 31 -12.42 -27.61 14.85
CA VAL B 31 -12.08 -29.02 14.80
C VAL B 31 -12.41 -29.73 16.11
N VAL B 32 -13.11 -30.85 16.02
CA VAL B 32 -13.51 -31.62 17.19
C VAL B 32 -12.73 -32.91 17.30
N ARG B 33 -12.46 -33.53 16.16
CA ARG B 33 -11.63 -34.72 16.14
C ARG B 33 -11.03 -34.99 14.78
N VAL B 34 -9.96 -35.77 14.75
CA VAL B 34 -9.23 -36.03 13.53
C VAL B 34 -8.92 -37.52 13.36
N THR B 35 -9.51 -38.13 12.34
CA THR B 35 -9.28 -39.55 12.07
C THR B 35 -8.62 -39.76 10.71
N ARG B 36 -8.22 -40.99 10.44
CA ARG B 36 -7.57 -41.32 9.18
C ARG B 36 -8.40 -42.33 8.38
N LYS B 37 -8.24 -42.31 7.06
CA LYS B 37 -8.97 -43.23 6.20
C LYS B 37 -8.36 -44.63 6.25
N GLU B 55 -1.37 -36.43 3.76
CA GLU B 55 -2.43 -35.55 4.27
C GLU B 55 -3.79 -36.01 3.78
N ASP B 56 -4.06 -37.30 3.93
CA ASP B 56 -5.33 -37.89 3.49
C ASP B 56 -6.14 -38.32 4.71
N VAL B 57 -6.62 -37.35 5.47
CA VAL B 57 -7.32 -37.63 6.72
C VAL B 57 -8.74 -37.07 6.72
N ILE B 58 -9.48 -37.37 7.78
CA ILE B 58 -10.85 -36.88 7.95
C ILE B 58 -10.92 -35.91 9.12
N TYR B 59 -11.55 -34.75 8.89
CA TYR B 59 -11.70 -33.75 9.94
C TYR B 59 -13.15 -33.65 10.42
N HIS B 60 -13.35 -33.96 11.69
CA HIS B 60 -14.67 -33.86 12.31
C HIS B 60 -14.81 -32.48 12.97
N VAL B 61 -15.59 -31.61 12.35
CA VAL B 61 -15.73 -30.24 12.83
C VAL B 61 -17.16 -29.90 13.24
N LYS B 62 -17.30 -28.92 14.12
CA LYS B 62 -18.61 -28.40 14.49
C LYS B 62 -18.68 -26.91 14.19
N TYR B 63 -19.79 -26.46 13.65
CA TYR B 63 -19.96 -25.06 13.28
C TYR B 63 -20.33 -24.19 14.47
N ASP B 64 -19.64 -23.06 14.60
CA ASP B 64 -19.84 -22.16 15.74
C ASP B 64 -21.30 -21.90 16.04
N ASP B 65 -22.03 -21.36 15.06
CA ASP B 65 -23.43 -21.01 15.25
C ASP B 65 -24.38 -21.90 14.45
N TYR B 66 -23.98 -23.15 14.25
CA TYR B 66 -24.85 -24.14 13.61
C TYR B 66 -24.89 -25.42 14.45
N PRO B 67 -25.41 -25.33 15.68
CA PRO B 67 -25.46 -26.48 16.58
C PRO B 67 -26.46 -27.53 16.13
N GLU B 68 -27.45 -27.13 15.34
CA GLU B 68 -28.47 -28.05 14.86
C GLU B 68 -27.90 -29.03 13.84
N ASN B 69 -26.65 -28.81 13.43
CA ASN B 69 -25.99 -29.66 12.46
C ASN B 69 -25.01 -30.62 13.10
N GLY B 70 -24.67 -30.35 14.36
CA GLY B 70 -23.76 -31.20 15.11
C GLY B 70 -22.41 -31.36 14.44
N VAL B 71 -21.73 -32.45 14.75
CA VAL B 71 -20.42 -32.73 14.18
C VAL B 71 -20.53 -33.15 12.71
N VAL B 72 -19.64 -32.61 11.88
CA VAL B 72 -19.64 -32.92 10.46
C VAL B 72 -18.24 -33.38 10.01
N GLN B 73 -18.21 -34.38 9.14
CA GLN B 73 -16.94 -34.88 8.61
C GLN B 73 -16.54 -34.12 7.35
N MET B 74 -15.26 -33.78 7.26
CA MET B 74 -14.76 -32.99 6.15
C MET B 74 -13.47 -33.58 5.59
N ASN B 75 -13.28 -33.45 4.28
CA ASN B 75 -12.03 -33.82 3.65
C ASN B 75 -10.99 -32.74 3.94
N SER B 76 -9.72 -33.14 4.08
CA SER B 76 -8.66 -32.20 4.34
C SER B 76 -8.65 -31.07 3.32
N ARG B 77 -9.18 -31.37 2.14
CA ARG B 77 -9.26 -30.41 1.05
C ARG B 77 -10.18 -29.25 1.36
N ASP B 78 -11.27 -29.52 2.06
CA ASP B 78 -12.28 -28.51 2.35
C ASP B 78 -12.09 -27.87 3.72
N VAL B 79 -10.87 -27.91 4.24
CA VAL B 79 -10.57 -27.33 5.54
C VAL B 79 -9.27 -26.54 5.54
N ARG B 80 -9.34 -25.32 6.06
CA ARG B 80 -8.25 -24.38 6.05
C ARG B 80 -8.20 -23.61 7.35
N ALA B 81 -7.05 -23.05 7.71
CA ALA B 81 -6.96 -22.24 8.92
C ALA B 81 -7.92 -21.06 8.87
N ARG B 82 -8.53 -20.75 10.01
CA ARG B 82 -9.49 -19.65 10.11
C ARG B 82 -8.92 -18.36 9.54
N ALA B 83 -9.72 -17.69 8.71
CA ALA B 83 -9.32 -16.40 8.13
C ALA B 83 -9.19 -15.37 9.24
N ARG B 84 -8.25 -14.44 9.08
CA ARG B 84 -7.97 -13.46 10.12
C ARG B 84 -7.46 -12.15 9.55
N THR B 85 -6.67 -12.22 8.49
CA THR B 85 -6.06 -11.03 7.90
C THR B 85 -6.93 -10.43 6.80
N ILE B 86 -7.18 -9.14 6.90
CA ILE B 86 -7.97 -8.43 5.90
C ILE B 86 -7.09 -7.63 4.96
N ILE B 87 -7.28 -7.83 3.65
CA ILE B 87 -6.54 -7.09 2.64
C ILE B 87 -7.33 -5.84 2.23
N LYS B 88 -6.80 -4.68 2.59
CA LYS B 88 -7.48 -3.42 2.28
C LYS B 88 -7.41 -3.09 0.78
N TRP B 89 -8.25 -2.16 0.36
CA TRP B 89 -8.38 -1.80 -1.04
C TRP B 89 -7.04 -1.51 -1.72
N GLN B 90 -6.17 -0.76 -1.04
CA GLN B 90 -4.90 -0.35 -1.62
C GLN B 90 -4.01 -1.53 -1.99
N ASP B 91 -4.10 -2.62 -1.22
CA ASP B 91 -3.22 -3.77 -1.42
C ASP B 91 -3.85 -4.87 -2.27
N LEU B 92 -5.08 -4.63 -2.73
CA LEU B 92 -5.76 -5.59 -3.59
C LEU B 92 -5.27 -5.48 -5.03
N GLU B 93 -4.55 -6.50 -5.49
CA GLU B 93 -4.05 -6.51 -6.85
C GLU B 93 -4.79 -7.55 -7.71
N VAL B 94 -4.96 -7.23 -8.99
CA VAL B 94 -5.65 -8.12 -9.92
C VAL B 94 -4.90 -9.43 -10.10
N GLY B 95 -5.64 -10.54 -10.12
CA GLY B 95 -5.04 -11.85 -10.27
C GLY B 95 -4.75 -12.49 -8.93
N GLN B 96 -5.30 -11.90 -7.89
CA GLN B 96 -5.02 -12.33 -6.56
C GLN B 96 -6.21 -13.07 -6.06
N VAL B 97 -6.05 -14.34 -5.73
CA VAL B 97 -7.16 -15.10 -5.20
C VAL B 97 -7.35 -14.88 -3.70
N VAL B 98 -8.57 -14.52 -3.32
CA VAL B 98 -8.89 -14.18 -1.94
C VAL B 98 -10.23 -14.78 -1.52
N MET B 99 -10.67 -14.44 -0.32
CA MET B 99 -11.98 -14.87 0.16
C MET B 99 -12.82 -13.65 0.52
N LEU B 100 -13.92 -13.46 -0.22
CA LEU B 100 -14.79 -12.31 0.00
C LEU B 100 -16.25 -12.71 0.11
N ASN B 101 -17.11 -11.74 0.40
CA ASN B 101 -18.52 -11.99 0.57
C ASN B 101 -19.33 -11.70 -0.68
N TYR B 102 -20.16 -12.65 -1.10
CA TYR B 102 -20.98 -12.49 -2.29
C TYR B 102 -22.29 -13.27 -2.19
N ASN B 103 -23.34 -12.73 -2.79
CA ASN B 103 -24.65 -13.37 -2.74
C ASN B 103 -25.19 -13.63 -4.15
N PRO B 104 -24.83 -14.80 -4.72
CA PRO B 104 -25.19 -15.19 -6.08
C PRO B 104 -26.67 -14.96 -6.40
N ASP B 105 -27.54 -15.22 -5.44
CA ASP B 105 -28.98 -15.03 -5.65
C ASP B 105 -29.34 -13.55 -5.67
N ASN B 106 -28.95 -12.83 -4.63
CA ASN B 106 -29.14 -11.38 -4.58
C ASN B 106 -27.80 -10.65 -4.52
N PRO B 107 -27.15 -10.50 -5.67
CA PRO B 107 -25.81 -9.90 -5.78
C PRO B 107 -25.68 -8.56 -5.07
N LYS B 108 -26.74 -7.75 -5.09
CA LYS B 108 -26.71 -6.44 -4.45
C LYS B 108 -26.72 -6.55 -2.93
N GLU B 109 -26.97 -7.76 -2.43
CA GLU B 109 -27.05 -7.99 -0.99
C GLU B 109 -25.83 -8.73 -0.46
N ARG B 110 -25.71 -8.80 0.86
CA ARG B 110 -24.66 -9.58 1.50
C ARG B 110 -25.01 -11.06 1.44
N GLY B 111 -24.02 -11.90 1.17
CA GLY B 111 -24.23 -13.32 1.08
C GLY B 111 -23.30 -14.12 1.98
N PHE B 112 -22.57 -15.05 1.37
CA PHE B 112 -21.65 -15.90 2.12
C PHE B 112 -20.21 -15.69 1.66
N TRP B 113 -19.30 -16.52 2.14
CA TRP B 113 -17.88 -16.34 1.87
C TRP B 113 -17.35 -17.39 0.89
N TYR B 114 -16.92 -16.92 -0.28
CA TYR B 114 -16.38 -17.80 -1.30
C TYR B 114 -14.95 -17.40 -1.68
N ASP B 115 -14.26 -18.28 -2.39
CA ASP B 115 -12.96 -17.95 -2.96
C ASP B 115 -13.15 -17.27 -4.30
N ALA B 116 -12.33 -16.28 -4.60
CA ALA B 116 -12.46 -15.53 -5.84
C ALA B 116 -11.14 -14.93 -6.30
N GLU B 117 -10.92 -14.93 -7.62
CA GLU B 117 -9.75 -14.31 -8.20
C GLU B 117 -10.11 -12.93 -8.74
N ILE B 118 -9.62 -11.89 -8.07
CA ILE B 118 -9.92 -10.52 -8.47
C ILE B 118 -9.57 -10.28 -9.93
N SER B 119 -10.58 -9.97 -10.73
CA SER B 119 -10.42 -9.80 -12.18
C SER B 119 -10.01 -8.39 -12.56
N ARG B 120 -10.65 -7.40 -11.96
CA ARG B 120 -10.31 -6.00 -12.22
C ARG B 120 -10.91 -5.07 -11.18
N LYS B 121 -10.25 -3.94 -10.96
CA LYS B 121 -10.74 -2.92 -10.02
C LYS B 121 -10.72 -1.55 -10.68
N ARG B 122 -11.76 -0.75 -10.41
CA ARG B 122 -11.94 0.54 -11.06
C ARG B 122 -12.41 1.59 -10.07
N GLU B 123 -11.52 2.52 -9.72
CA GLU B 123 -11.84 3.56 -8.75
C GLU B 123 -12.14 4.90 -9.42
N THR B 124 -13.30 5.46 -9.10
CA THR B 124 -13.67 6.78 -9.59
C THR B 124 -13.81 7.73 -8.41
N ARG B 125 -14.62 8.77 -8.58
CA ARG B 125 -14.88 9.72 -7.51
C ARG B 125 -16.04 9.25 -6.63
N THR B 126 -16.86 8.36 -7.17
CA THR B 126 -18.06 7.93 -6.47
C THR B 126 -17.94 6.58 -5.78
N ALA B 127 -17.04 5.72 -6.26
CA ALA B 127 -16.89 4.40 -5.67
C ALA B 127 -15.66 3.63 -6.15
N ARG B 128 -15.13 2.78 -5.28
CA ARG B 128 -14.08 1.83 -5.64
C ARG B 128 -14.75 0.54 -6.11
N GLU B 129 -14.65 0.26 -7.39
CA GLU B 129 -15.35 -0.88 -7.98
C GLU B 129 -14.47 -2.13 -8.05
N LEU B 130 -14.83 -3.14 -7.27
CA LEU B 130 -14.09 -4.40 -7.23
C LEU B 130 -14.83 -5.50 -7.98
N TYR B 131 -14.14 -6.13 -8.93
CA TYR B 131 -14.72 -7.23 -9.69
C TYR B 131 -13.84 -8.46 -9.61
N ALA B 132 -14.46 -9.62 -9.39
CA ALA B 132 -13.72 -10.87 -9.25
C ALA B 132 -14.53 -12.06 -9.73
N ASN B 133 -13.84 -13.16 -10.02
CA ASN B 133 -14.50 -14.40 -10.44
C ASN B 133 -14.76 -15.31 -9.25
N VAL B 134 -15.99 -15.28 -8.74
CA VAL B 134 -16.37 -16.07 -7.58
C VAL B 134 -16.45 -17.56 -7.91
N VAL B 135 -15.65 -18.35 -7.20
CA VAL B 135 -15.66 -19.80 -7.37
C VAL B 135 -16.74 -20.44 -6.49
N LEU B 136 -17.58 -21.27 -7.10
CA LEU B 136 -18.65 -21.94 -6.36
C LEU B 136 -18.41 -23.44 -6.27
N GLY B 137 -19.35 -24.14 -5.65
CA GLY B 137 -19.23 -25.58 -5.46
C GLY B 137 -19.69 -26.39 -6.65
N ASP B 138 -19.24 -25.98 -7.83
CA ASP B 138 -19.59 -26.68 -9.07
C ASP B 138 -18.86 -26.06 -10.27
N ASP B 139 -18.77 -24.74 -10.27
CA ASP B 139 -18.09 -24.01 -11.34
C ASP B 139 -17.99 -22.53 -10.98
N SER B 140 -17.05 -21.83 -11.62
CA SER B 140 -16.78 -20.44 -11.31
C SER B 140 -17.94 -19.51 -11.72
N LEU B 141 -17.78 -18.23 -11.40
CA LEU B 141 -18.77 -17.22 -11.72
C LEU B 141 -18.04 -15.92 -12.02
N ASN B 142 -17.86 -15.63 -13.31
CA ASN B 142 -16.92 -14.61 -13.75
C ASN B 142 -17.43 -13.18 -13.80
N ASP B 143 -16.67 -12.26 -13.22
CA ASP B 143 -16.94 -10.82 -13.27
C ASP B 143 -18.09 -10.41 -12.37
N CYS B 144 -17.99 -10.76 -11.09
CA CYS B 144 -18.99 -10.37 -10.10
C CYS B 144 -18.60 -9.05 -9.45
N ARG B 145 -19.57 -8.15 -9.32
CA ARG B 145 -19.35 -6.88 -8.64
C ARG B 145 -19.39 -7.07 -7.13
N ILE B 146 -18.22 -7.10 -6.51
CA ILE B 146 -18.12 -7.31 -5.07
C ILE B 146 -18.51 -6.04 -4.32
N ILE B 147 -19.55 -6.16 -3.50
CA ILE B 147 -20.07 -5.01 -2.76
C ILE B 147 -19.15 -4.59 -1.61
N PHE B 148 -18.73 -5.56 -0.82
CA PHE B 148 -17.93 -5.28 0.37
C PHE B 148 -16.43 -5.37 0.08
N VAL B 149 -15.84 -4.23 -0.29
CA VAL B 149 -14.44 -4.17 -0.67
C VAL B 149 -13.52 -4.05 0.54
N ASP B 150 -14.09 -3.68 1.69
CA ASP B 150 -13.32 -3.51 2.91
C ASP B 150 -13.21 -4.81 3.69
N GLU B 151 -13.99 -5.81 3.30
CA GLU B 151 -14.01 -7.09 3.99
C GLU B 151 -13.47 -8.22 3.13
N VAL B 152 -12.25 -8.04 2.62
CA VAL B 152 -11.59 -9.07 1.82
C VAL B 152 -10.54 -9.79 2.67
N PHE B 153 -10.62 -11.12 2.67
CA PHE B 153 -9.74 -11.92 3.52
C PHE B 153 -8.63 -12.63 2.74
N LYS B 154 -7.43 -12.61 3.31
CA LYS B 154 -6.30 -13.36 2.76
C LYS B 154 -6.39 -14.82 3.20
N ILE B 155 -6.30 -15.73 2.23
CA ILE B 155 -6.36 -17.15 2.52
C ILE B 155 -5.10 -17.64 3.24
N GLU B 156 -5.28 -18.15 4.45
CA GLU B 156 -4.17 -18.73 5.20
C GLU B 156 -3.66 -19.98 4.52
N ARG B 157 -2.43 -19.93 4.02
CA ARG B 157 -1.84 -21.06 3.32
C ARG B 157 -1.22 -22.05 4.31
N PRO B 158 -1.51 -23.36 4.12
CA PRO B 158 -1.03 -24.43 4.98
C PRO B 158 0.44 -24.29 5.33
N GLY B 159 0.74 -24.08 6.61
CA GLY B 159 2.10 -23.90 7.06
C GLY B 159 2.36 -22.48 7.50
N GLU B 160 2.23 -21.54 6.56
CA GLU B 160 2.45 -20.13 6.82
C GLU B 160 1.52 -19.62 7.91
N GLY B 161 2.08 -19.00 8.94
CA GLY B 161 1.30 -18.41 10.01
C GLY B 161 1.02 -19.37 11.15
N SER B 162 0.51 -18.83 12.25
CA SER B 162 0.20 -19.64 13.43
C SER B 162 -1.21 -20.19 13.36
N PRO B 163 -1.45 -21.31 14.07
CA PRO B 163 -2.80 -21.89 14.17
C PRO B 163 -3.68 -21.05 15.09
N MET B 164 -4.94 -20.87 14.72
CA MET B 164 -5.87 -20.12 15.56
C MET B 164 -6.43 -20.99 16.67
N VAL B 165 -5.96 -20.75 17.89
CA VAL B 165 -6.37 -21.55 19.04
C VAL B 165 -7.33 -20.79 19.95
N ASP B 166 -7.35 -19.47 19.82
CA ASP B 166 -8.21 -18.64 20.65
C ASP B 166 -9.45 -18.18 19.89
N ASN B 167 -10.60 -18.20 20.57
CA ASN B 167 -11.85 -17.76 19.97
C ASN B 167 -11.73 -16.39 19.32
N PRO B 168 -11.90 -16.32 18.00
CA PRO B 168 -11.72 -15.10 17.22
C PRO B 168 -13.03 -14.33 17.03
N MET B 169 -12.94 -13.20 16.32
CA MET B 169 -14.11 -12.38 16.03
C MET B 169 -14.96 -13.04 14.95
N ARG B 170 -16.20 -12.58 14.81
CA ARG B 170 -17.14 -13.18 13.87
C ARG B 170 -17.27 -12.38 12.58
N ARG B 171 -17.23 -13.07 11.45
CA ARG B 171 -17.51 -12.45 10.16
C ARG B 171 -19.02 -12.30 10.00
N LYS B 172 -19.45 -11.20 9.38
CA LYS B 172 -20.87 -10.99 9.13
C LYS B 172 -21.31 -11.77 7.88
N SER B 173 -22.34 -12.59 8.04
CA SER B 173 -22.82 -13.45 6.97
C SER B 173 -24.33 -13.38 6.85
N GLY B 174 -24.89 -13.96 5.79
CA GLY B 174 -26.32 -13.93 5.56
C GLY B 174 -26.87 -12.55 5.26
N PRO B 175 -27.82 -12.47 4.30
CA PRO B 175 -28.45 -11.20 3.91
C PRO B 175 -28.98 -10.42 5.11
N SER B 176 -28.89 -9.10 5.06
CA SER B 176 -29.35 -8.25 6.14
C SER B 176 -30.76 -7.74 5.88
N CYS B 177 -31.45 -7.29 6.92
CA CYS B 177 -32.78 -6.73 6.77
C CYS B 177 -32.76 -5.23 7.06
N LYS B 178 -33.46 -4.47 6.22
CA LYS B 178 -33.47 -3.02 6.34
C LYS B 178 -34.68 -2.52 7.13
N HIS B 179 -35.20 -3.36 8.01
CA HIS B 179 -36.36 -2.99 8.81
C HIS B 179 -36.11 -3.14 10.31
N CYS B 180 -35.08 -3.90 10.65
CA CYS B 180 -34.69 -4.07 12.05
C CYS B 180 -33.17 -3.91 12.21
N LYS B 181 -32.48 -3.82 11.07
CA LYS B 181 -31.03 -3.65 11.06
C LYS B 181 -30.29 -4.81 11.71
N ASP B 182 -30.85 -6.01 11.58
CA ASP B 182 -30.24 -7.22 12.12
C ASP B 182 -29.92 -7.13 13.60
N ASP B 183 -30.57 -6.21 14.30
CA ASP B 183 -30.38 -6.07 15.73
C ASP B 183 -31.16 -7.16 16.46
N VAL B 184 -30.42 -8.06 17.10
CA VAL B 184 -31.03 -9.25 17.69
C VAL B 184 -32.10 -8.94 18.75
N ASN B 185 -31.93 -7.85 19.47
CA ASN B 185 -32.87 -7.47 20.52
C ASN B 185 -34.14 -6.78 20.01
N ARG B 186 -34.18 -6.51 18.70
CA ARG B 186 -35.34 -5.85 18.10
C ARG B 186 -36.27 -6.86 17.44
N LEU B 187 -37.57 -6.71 17.71
CA LEU B 187 -38.58 -7.59 17.13
C LEU B 187 -38.93 -7.14 15.72
N CYS B 188 -38.86 -8.06 14.76
CA CYS B 188 -39.15 -7.76 13.37
C CYS B 188 -40.25 -8.67 12.83
N ARG B 189 -40.84 -8.29 11.71
CA ARG B 189 -41.89 -9.09 11.09
C ARG B 189 -41.51 -9.47 9.66
N VAL B 190 -40.38 -8.94 9.20
CA VAL B 190 -39.88 -9.24 7.86
C VAL B 190 -38.81 -10.33 7.92
N CYS B 191 -37.89 -10.19 8.87
CA CYS B 191 -36.82 -11.17 9.04
C CYS B 191 -37.18 -12.19 10.12
N ALA B 192 -38.16 -11.83 10.96
CA ALA B 192 -38.60 -12.72 12.03
C ALA B 192 -40.00 -13.24 11.74
N CYS B 193 -40.80 -13.48 12.83
CA CYS B 193 -42.14 -13.99 12.67
C CYS B 193 -43.07 -12.94 12.09
N HIS B 194 -43.72 -13.30 10.97
CA HIS B 194 -44.62 -12.39 10.28
C HIS B 194 -45.83 -12.04 11.15
N LEU B 195 -46.02 -12.81 12.22
CA LEU B 195 -47.16 -12.62 13.10
C LEU B 195 -46.83 -11.76 14.33
N CYS B 196 -46.13 -12.35 15.29
CA CYS B 196 -45.81 -11.64 16.53
C CYS B 196 -44.55 -10.78 16.40
N GLY B 197 -43.50 -11.35 15.84
CA GLY B 197 -42.25 -10.64 15.66
C GLY B 197 -41.08 -11.29 16.37
N GLY B 198 -41.35 -12.36 17.11
CA GLY B 198 -40.30 -13.08 17.82
C GLY B 198 -39.33 -13.76 16.88
N ARG B 199 -38.24 -14.28 17.43
CA ARG B 199 -37.21 -14.93 16.64
C ARG B 199 -36.58 -16.09 17.42
N GLN B 200 -37.31 -16.60 18.41
CA GLN B 200 -36.87 -17.75 19.20
C GLN B 200 -37.44 -19.03 18.61
N ASP B 201 -37.02 -20.18 19.13
CA ASP B 201 -37.47 -21.47 18.61
C ASP B 201 -37.61 -21.42 17.09
N PRO B 202 -36.48 -21.22 16.39
CA PRO B 202 -36.44 -21.00 14.94
C PRO B 202 -36.69 -22.27 14.12
N ASP B 203 -36.41 -23.42 14.70
CA ASP B 203 -36.66 -24.70 14.02
C ASP B 203 -38.14 -25.02 13.98
N LYS B 204 -38.94 -24.17 14.62
CA LYS B 204 -40.39 -24.28 14.58
C LYS B 204 -40.99 -23.09 13.85
N GLN B 205 -40.12 -22.32 13.20
CA GLN B 205 -40.54 -21.11 12.49
C GLN B 205 -40.82 -21.42 11.02
N LEU B 206 -42.01 -21.94 10.75
CA LEU B 206 -42.43 -22.30 9.39
C LEU B 206 -42.22 -21.13 8.43
N MET B 207 -41.75 -21.44 7.23
CA MET B 207 -41.60 -20.42 6.20
C MET B 207 -42.45 -20.78 4.98
N CYS B 208 -43.39 -19.91 4.64
CA CYS B 208 -44.28 -20.15 3.51
C CYS B 208 -43.51 -20.24 2.20
N ASP B 209 -43.93 -21.16 1.33
CA ASP B 209 -43.31 -21.35 0.03
C ASP B 209 -43.90 -20.42 -1.01
N GLU B 210 -44.29 -19.21 -0.58
CA GLU B 210 -44.89 -18.24 -1.48
C GLU B 210 -44.29 -16.84 -1.28
N CYS B 211 -44.56 -16.24 -0.12
CA CYS B 211 -44.08 -14.89 0.16
C CYS B 211 -42.83 -14.90 1.03
N ASP B 212 -42.28 -16.08 1.27
CA ASP B 212 -41.04 -16.23 2.02
C ASP B 212 -41.10 -15.64 3.43
N MET B 213 -42.32 -15.43 3.94
CA MET B 213 -42.49 -14.90 5.28
C MET B 213 -42.51 -16.03 6.31
N ALA B 214 -42.04 -15.73 7.52
CA ALA B 214 -41.95 -16.74 8.57
C ALA B 214 -43.19 -16.76 9.46
N PHE B 215 -43.65 -17.97 9.78
CA PHE B 215 -44.81 -18.15 10.65
C PHE B 215 -44.51 -19.23 11.68
N HIS B 216 -44.55 -18.86 12.96
CA HIS B 216 -44.31 -19.82 14.03
C HIS B 216 -45.30 -20.97 13.97
N ILE B 217 -44.87 -22.13 14.44
CA ILE B 217 -45.72 -23.33 14.44
C ILE B 217 -46.89 -23.15 15.41
N TYR B 218 -46.73 -22.23 16.36
CA TYR B 218 -47.69 -22.06 17.43
C TYR B 218 -48.28 -20.65 17.48
N CYS B 219 -48.52 -20.05 16.31
CA CYS B 219 -48.99 -18.67 16.26
C CYS B 219 -50.28 -18.45 15.49
N PRO B 223 -53.18 -23.66 16.12
CA PRO B 223 -51.74 -23.86 16.31
C PRO B 223 -51.32 -25.26 15.91
N LEU B 224 -50.42 -25.36 14.93
CA LEU B 224 -49.91 -26.66 14.51
C LEU B 224 -49.04 -27.26 15.59
N SER B 225 -49.03 -28.59 15.69
CA SER B 225 -48.31 -29.27 16.75
C SER B 225 -46.98 -29.86 16.26
N SER B 226 -46.80 -29.92 14.95
CA SER B 226 -45.59 -30.49 14.37
C SER B 226 -45.21 -29.85 13.05
N VAL B 227 -44.17 -30.40 12.41
CA VAL B 227 -43.70 -29.89 11.13
C VAL B 227 -44.35 -30.64 9.97
N PRO B 228 -45.04 -29.91 9.10
CA PRO B 228 -45.68 -30.50 7.92
C PRO B 228 -44.69 -31.24 7.03
N SER B 229 -44.73 -32.57 7.08
CA SER B 229 -43.81 -33.38 6.27
C SER B 229 -43.97 -33.09 4.78
N GLU B 230 -45.12 -32.53 4.40
CA GLU B 230 -45.37 -32.16 3.02
C GLU B 230 -44.30 -31.16 2.56
N ASP B 231 -43.81 -31.36 1.35
CA ASP B 231 -42.71 -30.54 0.82
C ASP B 231 -42.99 -29.04 0.91
N GLU B 232 -44.23 -28.65 0.64
CA GLU B 232 -44.58 -27.23 0.66
C GLU B 232 -45.53 -26.89 1.80
N TRP B 233 -45.66 -25.59 2.08
CA TRP B 233 -46.62 -25.09 3.05
C TRP B 233 -46.94 -23.63 2.74
N TYR B 234 -48.15 -23.38 2.26
CA TYR B 234 -48.57 -22.03 1.90
C TYR B 234 -49.41 -21.40 3.00
N CYS B 235 -48.90 -20.30 3.55
CA CYS B 235 -49.51 -19.64 4.70
C CYS B 235 -50.94 -19.19 4.43
N PRO B 236 -51.65 -18.72 5.48
CA PRO B 236 -53.03 -18.24 5.35
C PRO B 236 -53.19 -17.16 4.29
N GLU B 237 -52.32 -16.15 4.30
CA GLU B 237 -52.40 -15.06 3.34
C GLU B 237 -52.40 -15.59 1.90
N CYS B 238 -51.68 -16.68 1.69
CA CYS B 238 -51.56 -17.28 0.37
C CYS B 238 -52.29 -18.61 0.30
N LEU C 9 19.77 0.93 15.66
CA LEU C 9 20.17 2.13 14.92
C LEU C 9 19.16 2.43 13.81
N TYR C 10 19.03 1.51 12.87
CA TYR C 10 18.09 1.66 11.77
C TYR C 10 16.67 1.25 12.20
N LYS C 11 15.69 2.10 11.88
CA LYS C 11 14.33 1.88 12.32
C LYS C 11 13.51 1.10 11.30
N VAL C 12 12.30 0.72 11.70
CA VAL C 12 11.38 0.03 10.80
C VAL C 12 10.73 1.03 9.85
N ASN C 13 10.40 0.58 8.64
CA ASN C 13 9.83 1.44 7.61
C ASN C 13 10.87 2.36 6.98
N GLU C 14 12.09 2.31 7.51
CA GLU C 14 13.18 3.12 6.99
C GLU C 14 13.80 2.48 5.75
N TYR C 15 13.93 3.27 4.69
CA TYR C 15 14.49 2.78 3.44
C TYR C 15 16.01 2.73 3.51
N VAL C 16 16.58 1.57 3.17
CA VAL C 16 18.02 1.36 3.29
C VAL C 16 18.57 0.56 2.12
N ASP C 17 19.88 0.37 2.11
CA ASP C 17 20.54 -0.48 1.12
C ASP C 17 21.10 -1.72 1.81
N ALA C 18 20.87 -2.89 1.21
CA ALA C 18 21.34 -4.14 1.76
C ALA C 18 22.35 -4.81 0.83
N ARG C 19 23.46 -5.28 1.41
CA ARG C 19 24.52 -5.90 0.62
C ARG C 19 24.32 -7.40 0.52
N ASP C 20 24.47 -7.94 -0.70
CA ASP C 20 24.38 -9.36 -0.93
C ASP C 20 25.76 -10.00 -0.76
N THR C 21 25.96 -10.65 0.38
CA THR C 21 27.27 -11.22 0.73
C THR C 21 27.94 -12.01 -0.40
N ASN C 22 27.14 -12.66 -1.23
CA ASN C 22 27.69 -13.45 -2.34
C ASN C 22 28.44 -12.61 -3.37
N MET C 23 27.72 -11.68 -4.01
CA MET C 23 28.30 -10.85 -5.05
C MET C 23 28.87 -9.54 -4.50
N GLY C 24 28.35 -9.11 -3.36
CA GLY C 24 28.85 -7.92 -2.70
C GLY C 24 28.17 -6.63 -3.15
N ALA C 25 27.08 -6.77 -3.89
CA ALA C 25 26.34 -5.61 -4.40
C ALA C 25 25.27 -5.15 -3.40
N TRP C 26 24.94 -3.87 -3.48
CA TRP C 26 23.92 -3.29 -2.61
C TRP C 26 22.59 -3.15 -3.34
N PHE C 27 21.51 -3.53 -2.66
CA PHE C 27 20.19 -3.48 -3.26
C PHE C 27 19.22 -2.61 -2.45
N GLU C 28 18.28 -1.99 -3.15
CA GLU C 28 17.31 -1.11 -2.51
C GLU C 28 16.28 -1.93 -1.73
N ALA C 29 16.27 -1.76 -0.40
CA ALA C 29 15.36 -2.51 0.45
C ALA C 29 14.70 -1.61 1.50
N GLN C 30 13.91 -2.22 2.38
CA GLN C 30 13.22 -1.49 3.43
C GLN C 30 13.05 -2.36 4.68
N VAL C 31 13.34 -1.78 5.83
CA VAL C 31 13.26 -2.51 7.10
C VAL C 31 11.81 -2.77 7.50
N VAL C 32 11.53 -4.01 7.89
CA VAL C 32 10.19 -4.39 8.32
C VAL C 32 10.15 -4.78 9.79
N ARG C 33 11.29 -5.21 10.32
CA ARG C 33 11.35 -5.67 11.70
C ARG C 33 12.79 -5.76 12.19
N VAL C 34 12.98 -5.54 13.50
CA VAL C 34 14.31 -5.55 14.09
C VAL C 34 14.38 -6.41 15.34
N THR C 35 15.30 -7.38 15.35
CA THR C 35 15.51 -8.23 16.51
C THR C 35 17.00 -8.33 16.84
N ARG C 36 17.30 -8.71 18.07
CA ARG C 36 18.69 -8.80 18.53
C ARG C 36 19.18 -10.23 18.59
N LYS C 37 20.47 -10.43 18.33
CA LYS C 37 21.07 -11.75 18.43
C LYS C 37 21.23 -12.19 19.89
N LEU C 53 26.62 -6.29 24.76
CA LEU C 53 25.60 -6.19 23.72
C LEU C 53 26.15 -5.57 22.44
N GLU C 54 26.25 -4.25 22.43
CA GLU C 54 26.69 -3.50 21.26
C GLU C 54 25.69 -3.63 20.11
N GLU C 55 26.08 -3.18 18.92
CA GLU C 55 25.20 -3.26 17.77
C GLU C 55 25.37 -4.54 16.97
N ASP C 56 25.00 -5.66 17.58
CA ASP C 56 25.04 -6.96 16.91
C ASP C 56 23.62 -7.48 16.75
N VAL C 57 22.84 -6.81 15.92
CA VAL C 57 21.43 -7.16 15.72
C VAL C 57 21.16 -7.70 14.33
N ILE C 58 19.98 -8.29 14.15
CA ILE C 58 19.56 -8.79 12.85
C ILE C 58 18.53 -7.83 12.23
N TYR C 59 18.62 -7.66 10.91
CA TYR C 59 17.70 -6.77 10.21
C TYR C 59 16.80 -7.52 9.23
N HIS C 60 15.50 -7.45 9.46
CA HIS C 60 14.54 -8.05 8.55
C HIS C 60 14.08 -7.02 7.53
N VAL C 61 14.42 -7.26 6.26
CA VAL C 61 14.11 -6.30 5.21
C VAL C 61 13.48 -6.95 3.99
N LYS C 62 12.60 -6.22 3.31
CA LYS C 62 12.00 -6.68 2.06
C LYS C 62 12.54 -5.87 0.90
N TYR C 63 12.94 -6.57 -0.17
CA TYR C 63 13.50 -5.89 -1.33
C TYR C 63 12.41 -5.27 -2.19
N ASP C 64 12.61 -4.02 -2.59
CA ASP C 64 11.63 -3.26 -3.35
C ASP C 64 11.13 -4.01 -4.59
N ASP C 65 12.06 -4.42 -5.44
CA ASP C 65 11.70 -5.09 -6.68
C ASP C 65 12.00 -6.60 -6.65
N TYR C 66 12.04 -7.16 -5.44
CA TYR C 66 12.21 -8.60 -5.28
C TYR C 66 11.22 -9.14 -4.26
N PRO C 67 9.91 -9.06 -4.58
CA PRO C 67 8.85 -9.49 -3.66
C PRO C 67 8.84 -11.01 -3.47
N GLU C 68 9.43 -11.73 -4.40
CA GLU C 68 9.45 -13.20 -4.33
C GLU C 68 10.48 -13.69 -3.32
N ASN C 69 11.38 -12.81 -2.92
CA ASN C 69 12.40 -13.16 -1.93
C ASN C 69 11.91 -13.04 -0.49
N GLY C 70 10.75 -12.39 -0.33
CA GLY C 70 10.15 -12.22 0.98
C GLY C 70 11.07 -11.52 1.97
N VAL C 71 10.73 -11.60 3.25
CA VAL C 71 11.52 -10.99 4.30
C VAL C 71 12.84 -11.74 4.51
N VAL C 72 13.95 -11.02 4.40
CA VAL C 72 15.27 -11.62 4.54
C VAL C 72 16.01 -11.04 5.75
N GLN C 73 16.71 -11.91 6.48
CA GLN C 73 17.51 -11.48 7.61
C GLN C 73 18.87 -10.97 7.14
N MET C 74 19.32 -9.86 7.73
CA MET C 74 20.55 -9.23 7.30
C MET C 74 21.46 -8.89 8.48
N ASN C 75 22.76 -9.11 8.32
CA ASN C 75 23.74 -8.71 9.31
C ASN C 75 23.83 -7.18 9.31
N SER C 76 23.93 -6.60 10.50
CA SER C 76 23.98 -5.14 10.62
C SER C 76 25.07 -4.53 9.75
N ARG C 77 26.15 -5.28 9.56
CA ARG C 77 27.27 -4.81 8.74
C ARG C 77 26.89 -4.65 7.27
N ASP C 78 25.91 -5.42 6.83
CA ASP C 78 25.49 -5.40 5.43
C ASP C 78 24.22 -4.58 5.23
N VAL C 79 23.99 -3.61 6.11
CA VAL C 79 22.83 -2.73 6.02
C VAL C 79 23.22 -1.30 6.33
N ARG C 80 23.03 -0.40 5.37
CA ARG C 80 23.30 1.01 5.57
C ARG C 80 22.12 1.86 5.09
N ALA C 81 22.13 3.14 5.46
CA ALA C 81 21.07 4.05 5.04
C ALA C 81 21.01 4.15 3.51
N ARG C 82 19.81 4.34 2.98
CA ARG C 82 19.61 4.44 1.55
C ARG C 82 20.40 5.60 0.95
N ALA C 83 21.14 5.32 -0.13
CA ALA C 83 21.89 6.36 -0.82
C ALA C 83 20.94 7.39 -1.41
N ARG C 84 21.42 8.63 -1.54
CA ARG C 84 20.56 9.72 -2.00
C ARG C 84 21.36 10.84 -2.67
N THR C 85 22.60 11.02 -2.22
CA THR C 85 23.41 12.13 -2.71
C THR C 85 24.31 11.72 -3.87
N ILE C 86 24.22 12.48 -4.96
CA ILE C 86 25.07 12.25 -6.13
C ILE C 86 26.36 13.06 -6.03
N ILE C 87 27.46 12.45 -6.41
CA ILE C 87 28.75 13.15 -6.44
C ILE C 87 29.13 13.52 -7.87
N LYS C 88 29.12 14.81 -8.17
CA LYS C 88 29.48 15.28 -9.50
C LYS C 88 30.86 14.79 -9.93
N TRP C 89 31.10 14.80 -11.24
CA TRP C 89 32.38 14.41 -11.79
C TRP C 89 33.50 15.32 -11.28
N GLN C 90 33.16 16.58 -11.01
CA GLN C 90 34.13 17.55 -10.53
C GLN C 90 34.61 17.22 -9.11
N ASP C 91 33.66 16.89 -8.24
CA ASP C 91 33.96 16.67 -6.83
C ASP C 91 34.56 15.29 -6.55
N LEU C 92 34.72 14.49 -7.59
CA LEU C 92 35.29 13.16 -7.44
C LEU C 92 36.80 13.22 -7.21
N GLU C 93 37.23 12.75 -6.04
CA GLU C 93 38.64 12.71 -5.71
C GLU C 93 39.16 11.27 -5.77
N VAL C 94 40.44 11.12 -6.05
CA VAL C 94 41.06 9.79 -6.08
C VAL C 94 41.31 9.30 -4.66
N GLY C 95 41.00 8.04 -4.41
CA GLY C 95 41.12 7.46 -3.08
C GLY C 95 39.82 7.61 -2.32
N GLN C 96 38.83 8.20 -2.97
CA GLN C 96 37.52 8.41 -2.38
C GLN C 96 36.63 7.18 -2.58
N VAL C 97 36.13 6.64 -1.47
CA VAL C 97 35.26 5.45 -1.53
C VAL C 97 33.81 5.84 -1.77
N VAL C 98 33.22 5.28 -2.82
CA VAL C 98 31.85 5.59 -3.19
C VAL C 98 31.11 4.35 -3.67
N MET C 99 29.81 4.50 -3.91
CA MET C 99 29.01 3.41 -4.48
C MET C 99 28.58 3.75 -5.89
N LEU C 100 29.10 3.00 -6.86
CA LEU C 100 28.81 3.25 -8.27
C LEU C 100 28.23 2.02 -8.96
N ASN C 101 27.84 2.19 -10.22
CA ASN C 101 27.25 1.09 -10.99
C ASN C 101 28.25 0.46 -11.94
N TYR C 102 28.37 -0.87 -11.87
CA TYR C 102 29.31 -1.60 -12.72
C TYR C 102 28.87 -3.04 -12.95
N ASN C 103 29.19 -3.57 -14.12
CA ASN C 103 28.79 -4.93 -14.48
C ASN C 103 30.00 -5.80 -14.78
N PRO C 104 30.38 -6.65 -13.82
CA PRO C 104 31.54 -7.53 -13.93
C PRO C 104 31.50 -8.38 -15.20
N ASP C 105 30.46 -9.18 -15.34
CA ASP C 105 30.29 -10.06 -16.49
C ASP C 105 30.20 -9.30 -17.80
N ASN C 106 29.69 -8.08 -17.74
CA ASN C 106 29.51 -7.26 -18.94
C ASN C 106 29.90 -5.81 -18.67
N PRO C 107 31.21 -5.53 -18.62
CA PRO C 107 31.77 -4.23 -18.25
C PRO C 107 31.22 -3.06 -19.07
N LYS C 108 31.01 -3.28 -20.37
CA LYS C 108 30.55 -2.21 -21.25
C LYS C 108 29.06 -1.92 -21.13
N GLU C 109 28.41 -2.55 -20.15
CA GLU C 109 26.98 -2.35 -19.93
C GLU C 109 26.64 -2.08 -18.48
N ARG C 110 25.42 -1.63 -18.23
CA ARG C 110 24.95 -1.35 -16.87
C ARG C 110 24.80 -2.64 -16.06
N GLY C 111 25.21 -2.59 -14.80
CA GLY C 111 25.12 -3.75 -13.92
C GLY C 111 24.49 -3.40 -12.59
N PHE C 112 25.17 -3.78 -11.51
CA PHE C 112 24.67 -3.52 -10.17
C PHE C 112 25.51 -2.49 -9.43
N TRP C 113 25.12 -2.19 -8.19
CA TRP C 113 25.80 -1.16 -7.41
C TRP C 113 26.79 -1.74 -6.40
N TYR C 114 28.06 -1.43 -6.59
CA TYR C 114 29.11 -1.90 -5.70
C TYR C 114 29.84 -0.71 -5.07
N ASP C 115 30.56 -0.97 -3.98
CA ASP C 115 31.43 0.03 -3.40
C ASP C 115 32.78 -0.02 -4.13
N ALA C 116 33.43 1.13 -4.24
CA ALA C 116 34.70 1.19 -4.96
C ALA C 116 35.54 2.40 -4.57
N GLU C 117 36.85 2.26 -4.69
CA GLU C 117 37.77 3.36 -4.44
C GLU C 117 38.32 3.90 -5.76
N ILE C 118 38.03 5.16 -6.04
CA ILE C 118 38.47 5.78 -7.28
C ILE C 118 40.00 5.77 -7.39
N SER C 119 40.49 5.19 -8.48
CA SER C 119 41.93 5.03 -8.67
C SER C 119 42.52 6.07 -9.62
N ARG C 120 41.78 6.39 -10.67
CA ARG C 120 42.28 7.34 -11.67
C ARG C 120 41.18 8.07 -12.42
N LYS C 121 41.36 9.38 -12.59
CA LYS C 121 40.45 10.19 -13.39
C LYS C 121 41.20 10.76 -14.59
N ARG C 122 40.56 10.70 -15.76
CA ARG C 122 41.19 11.18 -16.99
C ARG C 122 40.16 11.84 -17.90
N GLU C 123 40.43 13.08 -18.29
CA GLU C 123 39.48 13.84 -19.10
C GLU C 123 40.14 14.40 -20.37
N THR C 124 39.55 14.06 -21.52
CA THR C 124 40.02 14.58 -22.80
C THR C 124 38.92 15.38 -23.48
N ARG C 125 39.15 15.75 -24.73
CA ARG C 125 38.17 16.52 -25.48
C ARG C 125 36.97 15.65 -25.86
N THR C 126 37.15 14.34 -25.78
CA THR C 126 36.14 13.41 -26.26
C THR C 126 35.32 12.77 -25.14
N ALA C 127 35.98 12.42 -24.04
CA ALA C 127 35.30 11.69 -22.97
C ALA C 127 35.85 11.96 -21.57
N ARG C 128 35.11 11.51 -20.56
CA ARG C 128 35.56 11.55 -19.18
C ARG C 128 35.76 10.14 -18.66
N GLU C 129 37.01 9.70 -18.60
CA GLU C 129 37.33 8.34 -18.19
C GLU C 129 37.46 8.22 -16.67
N LEU C 130 36.68 7.32 -16.08
CA LEU C 130 36.73 7.09 -14.64
C LEU C 130 37.19 5.67 -14.33
N TYR C 131 38.11 5.55 -13.38
CA TYR C 131 38.63 4.25 -12.99
C TYR C 131 38.56 4.08 -11.47
N ALA C 132 38.28 2.86 -11.03
CA ALA C 132 38.16 2.59 -9.60
C ALA C 132 38.29 1.10 -9.28
N ASN C 133 38.73 0.80 -8.06
CA ASN C 133 38.84 -0.56 -7.59
C ASN C 133 37.51 -1.06 -7.03
N VAL C 134 36.84 -1.93 -7.78
CA VAL C 134 35.53 -2.42 -7.37
C VAL C 134 35.63 -3.55 -6.34
N VAL C 135 34.86 -3.44 -5.27
CA VAL C 135 34.85 -4.42 -4.21
C VAL C 135 33.64 -5.36 -4.34
N LEU C 136 33.91 -6.65 -4.46
CA LEU C 136 32.83 -7.64 -4.61
C LEU C 136 32.61 -8.46 -3.35
N GLY C 137 32.28 -9.73 -3.53
CA GLY C 137 31.95 -10.62 -2.43
C GLY C 137 33.06 -10.83 -1.43
N ASP C 138 34.27 -11.08 -1.94
CA ASP C 138 35.42 -11.35 -1.08
C ASP C 138 36.68 -10.63 -1.54
N ASP C 139 37.00 -10.76 -2.82
CA ASP C 139 38.17 -10.11 -3.39
C ASP C 139 37.79 -8.77 -4.03
N SER C 140 38.80 -8.01 -4.43
CA SER C 140 38.57 -6.74 -5.09
C SER C 140 38.71 -6.90 -6.61
N LEU C 141 38.91 -5.79 -7.30
CA LEU C 141 39.07 -5.79 -8.75
C LEU C 141 39.57 -4.43 -9.20
N ASN C 142 40.89 -4.25 -9.13
CA ASN C 142 41.51 -2.94 -9.36
C ASN C 142 41.41 -2.43 -10.79
N ASP C 143 41.39 -1.10 -10.91
CA ASP C 143 41.46 -0.42 -12.20
C ASP C 143 40.31 -0.78 -13.15
N CYS C 144 39.09 -0.69 -12.66
CA CYS C 144 37.91 -0.94 -13.49
C CYS C 144 37.45 0.34 -14.18
N ARG C 145 37.02 0.21 -15.42
CA ARG C 145 36.55 1.35 -16.20
C ARG C 145 35.06 1.61 -15.97
N ILE C 146 34.76 2.55 -15.08
CA ILE C 146 33.36 2.90 -14.79
C ILE C 146 32.77 3.71 -15.94
N ILE C 147 31.55 3.35 -16.33
CA ILE C 147 30.89 3.98 -17.46
C ILE C 147 29.97 5.13 -17.03
N PHE C 148 29.16 4.87 -16.01
CA PHE C 148 28.17 5.84 -15.55
C PHE C 148 28.78 6.78 -14.50
N VAL C 149 29.45 7.81 -14.99
CA VAL C 149 30.15 8.75 -14.12
C VAL C 149 29.20 9.73 -13.42
N ASP C 150 28.04 9.95 -14.05
CA ASP C 150 27.05 10.88 -13.49
C ASP C 150 26.12 10.20 -12.50
N GLU C 151 26.37 8.90 -12.27
CA GLU C 151 25.56 8.14 -11.33
C GLU C 151 26.43 7.55 -10.23
N VAL C 152 27.17 8.42 -9.54
CA VAL C 152 28.04 8.00 -8.45
C VAL C 152 27.48 8.49 -7.11
N PHE C 153 27.17 7.57 -6.21
CA PHE C 153 26.53 7.91 -4.95
C PHE C 153 27.51 8.07 -3.80
N LYS C 154 27.21 9.02 -2.92
CA LYS C 154 27.96 9.20 -1.69
C LYS C 154 27.50 8.19 -0.65
N ILE C 155 28.40 7.34 -0.20
CA ILE C 155 28.07 6.33 0.79
C ILE C 155 27.69 6.96 2.13
N GLU C 156 26.40 6.85 2.47
CA GLU C 156 25.89 7.42 3.71
C GLU C 156 26.66 6.92 4.92
N ARG C 157 27.05 7.83 5.79
CA ARG C 157 27.84 7.49 6.97
C ARG C 157 26.97 7.23 8.19
N PRO C 158 27.17 6.08 8.82
CA PRO C 158 26.38 5.65 9.98
C PRO C 158 26.34 6.74 11.06
N GLY C 159 25.14 7.24 11.33
CA GLY C 159 24.94 8.29 12.30
C GLY C 159 24.81 9.67 11.68
N GLU C 160 25.75 10.01 10.80
CA GLU C 160 25.71 11.30 10.12
C GLU C 160 24.65 11.27 9.02
N GLY C 161 23.82 12.31 8.95
CA GLY C 161 22.77 12.37 7.96
C GLY C 161 21.42 11.95 8.52
N SER C 162 20.36 12.34 7.81
CA SER C 162 19.00 12.02 8.23
C SER C 162 18.58 10.65 7.71
N PRO C 163 17.67 9.98 8.44
CA PRO C 163 17.14 8.68 8.01
C PRO C 163 16.09 8.82 6.92
N MET C 164 16.09 7.90 5.96
CA MET C 164 15.11 7.91 4.88
C MET C 164 13.80 7.29 5.34
N VAL C 165 12.72 8.07 5.30
CA VAL C 165 11.42 7.59 5.74
C VAL C 165 10.35 7.73 4.66
N ASP C 166 10.67 8.48 3.62
CA ASP C 166 9.73 8.70 2.52
C ASP C 166 10.19 7.96 1.26
N ASN C 167 9.24 7.35 0.56
CA ASN C 167 9.54 6.60 -0.66
C ASN C 167 10.39 7.40 -1.62
N PRO C 168 11.67 7.02 -1.77
CA PRO C 168 12.64 7.75 -2.60
C PRO C 168 12.58 7.35 -4.06
N MET C 169 13.39 8.00 -4.89
CA MET C 169 13.48 7.67 -6.30
C MET C 169 14.26 6.38 -6.50
N ARG C 170 14.03 5.72 -7.63
CA ARG C 170 14.67 4.44 -7.92
C ARG C 170 16.00 4.61 -8.65
N ARG C 171 16.98 3.78 -8.29
CA ARG C 171 18.21 3.68 -9.06
C ARG C 171 17.95 2.80 -10.27
N LYS C 172 18.74 2.97 -11.32
CA LYS C 172 18.60 2.14 -12.51
C LYS C 172 19.63 1.02 -12.50
N SER C 173 19.16 -0.21 -12.26
CA SER C 173 20.04 -1.36 -12.23
C SER C 173 19.94 -2.18 -13.51
N GLY C 174 21.03 -2.83 -13.89
CA GLY C 174 21.04 -3.66 -15.07
C GLY C 174 20.16 -4.89 -14.88
N PRO C 175 19.71 -5.48 -16.00
CA PRO C 175 18.85 -6.66 -15.98
C PRO C 175 19.55 -7.87 -15.36
N SER C 176 18.90 -9.03 -15.45
CA SER C 176 19.49 -10.27 -14.95
C SER C 176 19.74 -11.23 -16.11
N CYS C 177 18.83 -11.20 -17.08
CA CYS C 177 18.94 -12.03 -18.27
C CYS C 177 18.10 -11.47 -19.40
N LEU D 9 8.83 -2.58 24.02
CA LEU D 9 7.99 -3.77 24.06
C LEU D 9 7.19 -3.89 22.78
N TYR D 10 6.33 -2.90 22.53
CA TYR D 10 5.51 -2.87 21.32
C TYR D 10 6.29 -2.33 20.14
N LYS D 11 6.22 -3.02 19.02
CA LYS D 11 7.01 -2.66 17.84
C LYS D 11 6.25 -1.72 16.91
N VAL D 12 6.95 -1.22 15.89
CA VAL D 12 6.34 -0.38 14.87
C VAL D 12 5.57 -1.24 13.87
N ASN D 13 4.50 -0.68 13.31
CA ASN D 13 3.63 -1.41 12.39
C ASN D 13 2.74 -2.42 13.11
N GLU D 14 2.93 -2.54 14.41
CA GLU D 14 2.13 -3.45 15.23
C GLU D 14 0.79 -2.82 15.57
N TYR D 15 -0.28 -3.56 15.33
CA TYR D 15 -1.63 -3.08 15.61
C TYR D 15 -1.94 -3.21 17.10
N VAL D 16 -2.40 -2.12 17.71
CA VAL D 16 -2.65 -2.09 19.14
C VAL D 16 -3.91 -1.31 19.48
N ASP D 17 -4.26 -1.28 20.76
CA ASP D 17 -5.36 -0.46 21.25
C ASP D 17 -4.82 0.66 22.13
N ALA D 18 -5.32 1.88 21.91
CA ALA D 18 -4.87 3.04 22.68
C ALA D 18 -6.02 3.62 23.50
N ARG D 19 -5.74 3.92 24.77
CA ARG D 19 -6.75 4.44 25.67
C ARG D 19 -6.77 5.97 25.65
N ASP D 20 -7.97 6.54 25.56
CA ASP D 20 -8.13 7.98 25.60
C ASP D 20 -8.32 8.44 27.05
N THR D 21 -7.26 8.99 27.62
CA THR D 21 -7.25 9.37 29.04
C THR D 21 -8.49 10.13 29.50
N ASN D 22 -9.08 10.93 28.61
CA ASN D 22 -10.26 11.70 28.97
C ASN D 22 -11.47 10.83 29.31
N MET D 23 -11.93 10.06 28.33
CA MET D 23 -13.10 9.21 28.51
C MET D 23 -12.75 7.81 29.01
N GLY D 24 -11.52 7.38 28.75
CA GLY D 24 -11.04 6.10 29.24
C GLY D 24 -11.33 4.95 28.30
N ALA D 25 -11.75 5.25 27.08
CA ALA D 25 -12.07 4.22 26.10
C ALA D 25 -10.86 3.84 25.27
N TRP D 26 -10.86 2.61 24.75
CA TRP D 26 -9.77 2.11 23.93
C TRP D 26 -10.14 2.19 22.45
N PHE D 27 -9.19 2.65 21.63
CA PHE D 27 -9.43 2.81 20.20
C PHE D 27 -8.42 2.02 19.38
N GLU D 28 -8.86 1.55 18.21
CA GLU D 28 -8.01 0.77 17.32
C GLU D 28 -6.97 1.66 16.64
N ALA D 29 -5.69 1.42 16.95
CA ALA D 29 -4.62 2.23 16.39
C ALA D 29 -3.45 1.36 15.91
N GLN D 30 -2.40 2.02 15.46
CA GLN D 30 -1.21 1.33 14.96
C GLN D 30 0.05 2.13 15.24
N VAL D 31 1.08 1.46 15.74
CA VAL D 31 2.34 2.11 16.08
C VAL D 31 3.11 2.53 14.83
N VAL D 32 3.59 3.76 14.82
CA VAL D 32 4.35 4.28 13.69
C VAL D 32 5.80 4.59 14.08
N ARG D 33 6.02 4.86 15.37
CA ARG D 33 7.36 5.22 15.84
C ARG D 33 7.46 5.10 17.35
N VAL D 34 8.66 4.80 17.84
CA VAL D 34 8.89 4.60 19.27
C VAL D 34 10.10 5.37 19.77
N THR D 35 9.89 6.22 20.78
CA THR D 35 10.97 6.97 21.39
C THR D 35 10.90 6.87 22.91
N ARG D 36 12.03 7.13 23.56
CA ARG D 36 12.11 7.02 25.02
C ARG D 36 12.08 8.39 25.70
N GLU D 55 10.43 0.55 31.48
CA GLU D 55 9.57 0.78 30.32
C GLU D 55 8.78 2.07 30.45
N ASP D 56 9.49 3.20 30.40
CA ASP D 56 8.86 4.50 30.44
C ASP D 56 9.08 5.22 29.12
N VAL D 57 8.46 4.71 28.07
CA VAL D 57 8.66 5.23 26.72
C VAL D 57 7.39 5.88 26.17
N ILE D 58 7.53 6.60 25.07
CA ILE D 58 6.40 7.23 24.41
C ILE D 58 6.05 6.46 23.15
N TYR D 59 4.75 6.35 22.86
CA TYR D 59 4.29 5.61 21.69
C TYR D 59 3.59 6.52 20.68
N HIS D 60 4.15 6.60 19.48
CA HIS D 60 3.55 7.37 18.40
C HIS D 60 2.64 6.45 17.57
N VAL D 61 1.35 6.72 17.60
CA VAL D 61 0.39 5.86 16.91
C VAL D 61 -0.63 6.67 16.08
N LYS D 62 -1.06 6.08 14.98
CA LYS D 62 -2.09 6.69 14.14
C LYS D 62 -3.38 5.89 14.26
N TYR D 63 -4.49 6.58 14.46
CA TYR D 63 -5.78 5.91 14.62
C TYR D 63 -6.34 5.48 13.26
N ASP D 64 -6.81 4.23 13.20
CA ASP D 64 -7.30 3.65 11.96
C ASP D 64 -8.35 4.52 11.26
N ASP D 65 -9.41 4.86 11.99
CA ASP D 65 -10.50 5.65 11.42
C ASP D 65 -10.51 7.09 11.92
N TYR D 66 -9.35 7.58 12.34
CA TYR D 66 -9.19 8.97 12.74
C TYR D 66 -7.95 9.58 12.11
N PRO D 67 -7.92 9.67 10.78
CA PRO D 67 -6.75 10.18 10.05
C PRO D 67 -6.52 11.67 10.28
N GLU D 68 -7.56 12.38 10.71
CA GLU D 68 -7.45 13.81 10.95
C GLU D 68 -6.75 14.13 12.26
N ASN D 69 -6.60 13.12 13.10
CA ASN D 69 -5.90 13.28 14.38
C ASN D 69 -4.39 13.13 14.25
N GLY D 70 -3.96 12.63 13.10
CA GLY D 70 -2.54 12.45 12.84
C GLY D 70 -1.83 11.60 13.88
N VAL D 71 -0.51 11.65 13.88
CA VAL D 71 0.29 10.88 14.84
C VAL D 71 0.17 11.45 16.25
N VAL D 72 -0.25 10.61 17.18
CA VAL D 72 -0.44 11.03 18.56
C VAL D 72 0.52 10.31 19.50
N GLN D 73 1.06 11.04 20.47
CA GLN D 73 1.94 10.45 21.48
C GLN D 73 1.12 9.80 22.58
N MET D 74 1.55 8.62 23.02
CA MET D 74 0.80 7.86 24.01
C MET D 74 1.69 7.34 25.14
N ASN D 75 1.20 7.42 26.36
CA ASN D 75 1.89 6.84 27.50
C ASN D 75 1.84 5.32 27.39
N SER D 76 2.95 4.66 27.70
CA SER D 76 3.03 3.20 27.59
C SER D 76 1.89 2.51 28.33
N ARG D 77 1.43 3.13 29.42
CA ARG D 77 0.35 2.57 30.22
C ARG D 77 -0.98 2.55 29.47
N ASP D 78 -1.12 3.45 28.50
CA ASP D 78 -2.37 3.56 27.75
C ASP D 78 -2.26 2.92 26.37
N VAL D 79 -1.37 1.94 26.26
CA VAL D 79 -1.18 1.22 25.01
C VAL D 79 -1.01 -0.28 25.26
N ARG D 80 -1.91 -1.09 24.70
CA ARG D 80 -1.82 -2.53 24.84
C ARG D 80 -1.99 -3.19 23.47
N ALA D 81 -1.67 -4.48 23.40
CA ALA D 81 -1.82 -5.23 22.16
C ALA D 81 -3.28 -5.24 21.70
N ARG D 82 -3.48 -5.26 20.39
CA ARG D 82 -4.83 -5.25 19.83
C ARG D 82 -5.64 -6.46 20.27
N ALA D 83 -6.86 -6.21 20.75
CA ALA D 83 -7.75 -7.29 21.14
C ALA D 83 -8.09 -8.17 19.95
N ARG D 84 -8.36 -9.45 20.20
CA ARG D 84 -8.61 -10.38 19.12
C ARG D 84 -9.49 -11.55 19.56
N THR D 85 -9.38 -11.93 20.84
CA THR D 85 -10.09 -13.09 21.35
C THR D 85 -11.45 -12.73 21.97
N ILE D 86 -12.48 -13.41 21.51
CA ILE D 86 -13.82 -13.22 22.04
C ILE D 86 -14.07 -14.19 23.19
N ILE D 87 -14.73 -13.70 24.24
CA ILE D 87 -15.09 -14.56 25.37
C ILE D 87 -16.59 -14.87 25.34
N LYS D 88 -16.90 -16.13 25.08
CA LYS D 88 -18.29 -16.58 25.01
C LYS D 88 -19.06 -16.24 26.29
N TRP D 89 -20.38 -16.20 26.18
CA TRP D 89 -21.24 -15.95 27.33
C TRP D 89 -21.05 -17.02 28.41
N GLN D 90 -20.74 -18.23 27.97
CA GLN D 90 -20.54 -19.35 28.90
C GLN D 90 -19.29 -19.15 29.76
N ASP D 91 -18.20 -18.76 29.13
CA ASP D 91 -16.91 -18.66 29.80
C ASP D 91 -16.76 -17.38 30.62
N LEU D 92 -17.79 -16.55 30.62
CA LEU D 92 -17.76 -15.31 31.38
C LEU D 92 -17.94 -15.56 32.87
N GLU D 93 -16.91 -15.22 33.65
CA GLU D 93 -16.96 -15.37 35.10
C GLU D 93 -17.12 -14.01 35.76
N VAL D 94 -17.72 -14.00 36.94
CA VAL D 94 -17.87 -12.76 37.70
C VAL D 94 -16.56 -12.39 38.37
N GLY D 95 -16.20 -11.10 38.31
CA GLY D 95 -14.94 -10.63 38.84
C GLY D 95 -13.87 -10.65 37.77
N GLN D 96 -14.26 -11.08 36.58
CA GLN D 96 -13.34 -11.16 35.44
C GLN D 96 -13.28 -9.82 34.70
N VAL D 97 -12.07 -9.28 34.57
CA VAL D 97 -11.87 -8.01 33.89
C VAL D 97 -11.74 -8.19 32.38
N VAL D 98 -12.59 -7.50 31.63
CA VAL D 98 -12.61 -7.62 30.18
C VAL D 98 -12.84 -6.28 29.52
N MET D 99 -12.75 -6.25 28.19
CA MET D 99 -13.05 -5.04 27.42
C MET D 99 -14.32 -5.25 26.61
N LEU D 100 -15.37 -4.51 26.96
CA LEU D 100 -16.66 -4.64 26.29
C LEU D 100 -17.14 -3.31 25.72
N ASN D 101 -18.27 -3.36 25.01
CA ASN D 101 -18.83 -2.16 24.40
C ASN D 101 -20.00 -1.60 25.20
N TYR D 102 -19.93 -0.30 25.50
CA TYR D 102 -20.97 0.35 26.28
C TYR D 102 -21.04 1.85 26.00
N ASN D 103 -22.25 2.40 26.07
CA ASN D 103 -22.46 3.82 25.78
C ASN D 103 -23.05 4.54 26.98
N PRO D 104 -22.20 5.29 27.71
CA PRO D 104 -22.60 6.02 28.91
C PRO D 104 -23.78 6.94 28.66
N ASP D 105 -23.62 7.88 27.73
CA ASP D 105 -24.67 8.83 27.39
C ASP D 105 -25.94 8.16 26.87
N ASN D 106 -25.79 6.98 26.29
CA ASN D 106 -26.95 6.28 25.76
C ASN D 106 -26.92 4.78 25.94
N PRO D 107 -26.67 4.38 27.16
CA PRO D 107 -26.59 2.99 27.52
C PRO D 107 -27.59 2.04 26.88
N LYS D 108 -28.48 2.46 26.02
CA LYS D 108 -29.39 1.48 25.45
C LYS D 108 -28.97 1.18 24.04
N GLU D 109 -27.89 1.83 23.66
CA GLU D 109 -27.33 1.79 22.32
C GLU D 109 -25.83 1.49 22.33
N ARG D 110 -25.28 1.23 21.15
CA ARG D 110 -23.86 0.95 20.98
C ARG D 110 -23.03 2.16 21.31
N GLY D 111 -21.90 1.96 21.97
CA GLY D 111 -21.00 3.06 22.25
C GLY D 111 -19.56 2.72 21.95
N PHE D 112 -18.68 2.94 22.93
CA PHE D 112 -17.26 2.68 22.74
C PHE D 112 -16.79 1.52 23.61
N TRP D 113 -15.50 1.20 23.51
CA TRP D 113 -14.94 0.05 24.21
C TRP D 113 -14.21 0.44 25.50
N TYR D 114 -14.75 -0.01 26.63
CA TYR D 114 -14.14 0.27 27.92
C TYR D 114 -13.75 -1.03 28.62
N ASP D 115 -12.88 -0.92 29.62
CA ASP D 115 -12.57 -2.05 30.48
C ASP D 115 -13.61 -2.13 31.58
N ALA D 116 -13.92 -3.34 32.03
CA ALA D 116 -14.95 -3.51 33.06
C ALA D 116 -14.82 -4.84 33.79
N GLU D 117 -15.26 -4.86 35.03
CA GLU D 117 -15.28 -6.07 35.83
C GLU D 117 -16.72 -6.60 35.95
N ILE D 118 -16.94 -7.81 35.43
CA ILE D 118 -18.27 -8.41 35.46
C ILE D 118 -18.77 -8.56 36.89
N SER D 119 -19.94 -8.00 37.17
CA SER D 119 -20.49 -8.00 38.52
C SER D 119 -21.58 -9.05 38.70
N ARG D 120 -22.42 -9.22 37.68
CA ARG D 120 -23.53 -10.16 37.79
C ARG D 120 -23.98 -10.71 36.43
N LYS D 121 -24.23 -12.01 36.39
CA LYS D 121 -24.79 -12.67 35.22
C LYS D 121 -26.15 -13.26 35.55
N ARG D 122 -27.11 -13.05 34.65
CA ARG D 122 -28.47 -13.54 34.87
C ARG D 122 -29.10 -14.01 33.57
N GLU D 123 -29.56 -15.25 33.56
CA GLU D 123 -30.14 -15.84 32.35
C GLU D 123 -31.53 -16.39 32.58
N THR D 124 -32.48 -15.93 31.77
CA THR D 124 -33.84 -16.43 31.82
C THR D 124 -34.23 -17.04 30.48
N ARG D 125 -35.51 -17.38 30.34
CA ARG D 125 -36.01 -17.98 29.11
C ARG D 125 -36.04 -16.95 27.98
N THR D 126 -35.99 -15.68 28.34
CA THR D 126 -36.17 -14.60 27.38
C THR D 126 -34.86 -13.92 26.97
N ALA D 127 -33.95 -13.73 27.92
CA ALA D 127 -32.73 -12.98 27.65
C ALA D 127 -31.53 -13.39 28.49
N ARG D 128 -30.39 -12.84 28.13
CA ARG D 128 -29.15 -13.04 28.84
C ARG D 128 -28.70 -11.71 29.37
N GLU D 129 -28.91 -11.46 30.65
CA GLU D 129 -28.56 -10.17 31.25
C GLU D 129 -27.13 -10.16 31.77
N LEU D 130 -26.34 -9.21 31.30
CA LEU D 130 -24.96 -9.07 31.74
C LEU D 130 -24.74 -7.74 32.44
N TYR D 131 -24.07 -7.78 33.59
CA TYR D 131 -23.79 -6.58 34.36
C TYR D 131 -22.30 -6.49 34.71
N ALA D 132 -21.78 -5.27 34.72
CA ALA D 132 -20.35 -5.07 35.00
C ALA D 132 -20.04 -3.63 35.40
N ASN D 133 -18.97 -3.46 36.17
CA ASN D 133 -18.52 -2.14 36.58
C ASN D 133 -17.62 -1.52 35.52
N VAL D 134 -18.15 -0.53 34.80
CA VAL D 134 -17.41 0.11 33.71
C VAL D 134 -16.42 1.14 34.23
N VAL D 135 -15.18 1.06 33.74
CA VAL D 135 -14.13 1.99 34.14
C VAL D 135 -13.92 3.06 33.08
N LEU D 136 -14.07 4.33 33.47
CA LEU D 136 -13.92 5.44 32.54
C LEU D 136 -12.63 6.21 32.75
N GLY D 137 -12.68 7.53 32.56
CA GLY D 137 -11.52 8.38 32.63
C GLY D 137 -10.84 8.40 33.99
N ASP D 138 -11.63 8.52 35.05
CA ASP D 138 -11.10 8.60 36.40
C ASP D 138 -11.89 7.76 37.39
N ASP D 139 -13.20 7.91 37.39
CA ASP D 139 -14.07 7.16 38.28
C ASP D 139 -14.62 5.92 37.58
N SER D 140 -15.29 5.06 38.35
CA SER D 140 -15.90 3.86 37.79
C SER D 140 -17.39 4.10 37.55
N LEU D 141 -18.14 3.00 37.42
CA LEU D 141 -19.58 3.08 37.20
C LEU D 141 -20.18 1.69 37.40
N ASN D 142 -20.46 1.34 38.64
CA ASN D 142 -20.86 -0.01 39.00
C ASN D 142 -22.23 -0.44 38.48
N ASP D 143 -22.37 -1.74 38.25
CA ASP D 143 -23.66 -2.34 37.90
C ASP D 143 -24.26 -1.78 36.61
N CYS D 144 -23.47 -1.75 35.55
CA CYS D 144 -23.96 -1.32 34.25
C CYS D 144 -24.54 -2.49 33.45
N ARG D 145 -25.62 -2.23 32.73
CA ARG D 145 -26.28 -3.27 31.94
C ARG D 145 -25.67 -3.35 30.54
N ILE D 146 -24.77 -4.30 30.34
CA ILE D 146 -24.13 -4.49 29.04
C ILE D 146 -25.10 -5.15 28.06
N ILE D 147 -25.17 -4.62 26.85
CA ILE D 147 -26.09 -5.11 25.84
C ILE D 147 -25.46 -6.15 24.92
N PHE D 148 -24.26 -5.85 24.43
CA PHE D 148 -23.58 -6.72 23.48
C PHE D 148 -22.75 -7.78 24.20
N VAL D 149 -23.41 -8.87 24.59
CA VAL D 149 -22.78 -9.94 25.36
C VAL D 149 -21.88 -10.82 24.48
N ASP D 150 -22.18 -10.87 23.19
CA ASP D 150 -21.42 -11.70 22.26
C ASP D 150 -20.21 -10.95 21.72
N GLU D 151 -20.02 -9.72 22.18
CA GLU D 151 -18.88 -8.92 21.75
C GLU D 151 -18.03 -8.50 22.94
N VAL D 152 -17.58 -9.49 23.70
CA VAL D 152 -16.74 -9.24 24.87
C VAL D 152 -15.32 -9.74 24.61
N PHE D 153 -14.35 -8.83 24.66
CA PHE D 153 -12.97 -9.16 24.34
C PHE D 153 -12.12 -9.51 25.54
N LYS D 154 -11.21 -10.47 25.35
CA LYS D 154 -10.22 -10.81 26.36
C LYS D 154 -9.07 -9.81 26.31
N ILE D 155 -8.86 -9.11 27.41
CA ILE D 155 -7.79 -8.11 27.47
C ILE D 155 -6.41 -8.76 27.35
N GLU D 156 -5.75 -8.53 26.23
CA GLU D 156 -4.43 -9.10 25.98
C GLU D 156 -3.45 -8.75 27.10
N ARG D 157 -2.73 -9.76 27.57
CA ARG D 157 -1.80 -9.59 28.67
C ARG D 157 -0.39 -9.29 28.18
N PRO D 158 0.20 -8.20 28.69
CA PRO D 158 1.54 -7.75 28.28
C PRO D 158 2.57 -8.87 28.37
N GLY D 159 3.12 -9.25 27.22
CA GLY D 159 4.09 -10.33 27.14
C GLY D 159 3.49 -11.64 26.67
N GLU D 160 2.39 -12.04 27.31
CA GLU D 160 1.71 -13.28 26.92
C GLU D 160 0.93 -13.05 25.63
N GLY D 161 1.06 -13.98 24.69
CA GLY D 161 0.37 -13.85 23.41
C GLY D 161 1.27 -13.30 22.32
N SER D 162 0.86 -13.52 21.06
CA SER D 162 1.62 -13.05 19.91
C SER D 162 1.26 -11.62 19.57
N PRO D 163 2.21 -10.88 18.97
CA PRO D 163 1.96 -9.50 18.54
C PRO D 163 1.18 -9.45 17.22
N MET D 164 0.27 -8.49 17.11
CA MET D 164 -0.52 -8.32 15.89
C MET D 164 0.28 -7.57 14.84
N VAL D 165 0.51 -8.21 13.69
CA VAL D 165 1.29 -7.59 12.63
C VAL D 165 0.51 -7.54 11.31
N ASP D 166 -0.59 -8.26 11.24
CA ASP D 166 -1.42 -8.30 10.04
C ASP D 166 -2.73 -7.55 10.25
N ASN D 167 -3.15 -6.79 9.25
CA ASN D 167 -4.38 -6.02 9.32
C ASN D 167 -5.56 -6.87 9.78
N PRO D 168 -6.02 -6.63 11.02
CA PRO D 168 -7.09 -7.43 11.65
C PRO D 168 -8.48 -6.94 11.26
N MET D 169 -9.50 -7.64 11.75
CA MET D 169 -10.88 -7.24 11.51
C MET D 169 -11.24 -6.05 12.40
N ARG D 170 -12.26 -5.30 11.98
CA ARG D 170 -12.68 -4.10 12.68
C ARG D 170 -13.73 -4.39 13.75
N ARG D 171 -13.62 -3.71 14.89
CA ARG D 171 -14.68 -3.73 15.88
C ARG D 171 -15.76 -2.75 15.44
N LYS D 172 -16.98 -2.96 15.91
CA LYS D 172 -18.08 -2.05 15.59
C LYS D 172 -18.31 -1.06 16.72
N SER D 173 -17.93 0.19 16.50
CA SER D 173 -18.10 1.24 17.51
C SER D 173 -19.29 2.12 17.18
N GLY D 174 -19.93 2.65 18.22
CA GLY D 174 -21.05 3.55 18.05
C GLY D 174 -20.62 4.86 17.41
N PRO D 175 -21.57 5.57 16.77
CA PRO D 175 -21.29 6.84 16.11
C PRO D 175 -20.85 7.92 17.10
N SER D 176 -20.74 9.15 16.61
CA SER D 176 -20.39 10.27 17.47
C SER D 176 -21.54 11.27 17.54
N ALA E 1 16.14 29.28 -37.55
CA ALA E 1 16.90 28.03 -37.56
C ALA E 1 16.76 27.29 -36.24
N ARG E 2 16.51 25.99 -36.32
CA ARG E 2 16.35 25.16 -35.14
C ARG E 2 17.54 24.26 -34.91
N THR E 3 18.23 24.47 -33.79
CA THR E 3 19.30 23.57 -33.37
C THR E 3 18.75 22.60 -32.34
N LYS E 4 19.40 21.46 -32.16
CA LYS E 4 18.94 20.47 -31.21
C LYS E 4 18.87 21.03 -29.80
N GLN E 5 19.69 22.03 -29.52
CA GLN E 5 19.66 22.69 -28.21
C GLN E 5 18.46 23.60 -28.05
N THR E 6 17.94 24.09 -29.18
CA THR E 6 16.80 25.00 -29.16
C THR E 6 15.48 24.23 -29.10
N ALA E 7 15.40 23.15 -29.87
CA ALA E 7 14.17 22.36 -29.96
C ALA E 7 13.96 21.43 -28.78
N ARG E 8 14.86 21.52 -27.79
CA ARG E 8 14.78 20.66 -26.61
C ARG E 8 13.44 20.77 -25.90
N M3L E 9 13.01 22.01 -25.63
CA M3L E 9 11.78 22.24 -24.95
CB M3L E 9 11.85 23.57 -24.20
CG M3L E 9 12.02 23.51 -22.68
CD M3L E 9 12.68 24.71 -21.99
CE M3L E 9 13.43 24.45 -20.68
NZ M3L E 9 13.95 25.63 -19.92
C M3L E 9 10.66 22.25 -25.94
O M3L E 9 9.84 23.16 -25.93
CM1 M3L E 9 14.76 25.42 -18.71
CM2 M3L E 9 14.78 26.41 -20.84
CM3 M3L E 9 12.79 26.41 -19.50
N SER E 10 10.62 21.23 -26.78
CA SER E 10 9.58 21.06 -27.80
C SER E 10 8.86 22.36 -28.14
N ALA F 1 -41.72 -29.84 5.00
CA ALA F 1 -41.60 -28.56 4.33
C ALA F 1 -40.40 -27.78 4.85
N ARG F 2 -40.17 -26.61 4.26
CA ARG F 2 -39.02 -25.78 4.63
C ARG F 2 -39.16 -25.22 6.05
N THR F 3 -38.08 -25.32 6.82
CA THR F 3 -38.01 -24.69 8.12
C THR F 3 -37.12 -23.47 7.98
N LYS F 4 -37.01 -22.66 9.03
CA LYS F 4 -36.14 -21.48 8.97
C LYS F 4 -34.71 -21.82 9.36
N GLN F 5 -34.55 -22.65 10.39
CA GLN F 5 -33.21 -23.05 10.82
C GLN F 5 -32.58 -23.97 9.79
N THR F 6 -33.42 -24.50 8.90
CA THR F 6 -32.94 -25.36 7.81
C THR F 6 -32.77 -24.54 6.55
N ALA F 7 -33.41 -23.37 6.50
CA ALA F 7 -33.31 -22.49 5.35
C ALA F 7 -32.32 -21.36 5.62
N ARG F 8 -31.22 -21.69 6.31
CA ARG F 8 -30.17 -20.72 6.58
C ARG F 8 -29.08 -20.84 5.53
N M3L F 9 -29.25 -21.77 4.60
CA M3L F 9 -28.28 -22.02 3.59
CB M3L F 9 -27.52 -23.29 3.91
CG M3L F 9 -26.24 -23.15 4.75
CD M3L F 9 -25.66 -24.42 5.40
CE M3L F 9 -24.61 -24.25 6.50
NZ M3L F 9 -23.83 -25.47 6.90
C M3L F 9 -28.97 -22.17 2.26
O M3L F 9 -28.82 -23.19 1.61
CM1 M3L F 9 -22.80 -25.34 7.93
CM2 M3L F 9 -24.80 -26.46 7.39
CM3 M3L F 9 -23.17 -25.97 5.70
ZN ZN G . 19.12 7.35 -30.39
ZN ZN H . 28.00 15.09 -37.45
ZN ZN I . 15.27 17.06 -43.90
ZN ZN J . -47.29 -16.65 2.27
ZN ZN K . -35.45 -7.26 10.26
ZN ZN L . -44.39 -15.97 16.40
ZN ZN M . 18.95 -16.69 -17.56
#